data_5XME
#
_entry.id   5XME
#
_entity_poly.entity_id   1
_entity_poly.type   'polypeptide(L)'
_entity_poly.pdbx_seq_one_letter_code
;MHHHHHHSSGRGSAQTFLFQGQPVVNRPLSLKDQQTFARSVGLKWRKVGRSLQRGCRALRDPALDSLAYEYEREGLYEQA
FQLLRRFVQAEGRRATLQRLVEALEENELTSLAEDLLGLTDPNGGLA
;
_entity_poly.pdbx_strand_id   A
#
# COMPACT_ATOMS: atom_id res chain seq x y z
N ALA A 14 -10.61 -8.46 14.39
CA ALA A 14 -10.28 -9.91 14.45
C ALA A 14 -8.79 -10.13 14.72
N GLN A 15 -7.96 -10.04 13.68
CA GLN A 15 -6.52 -10.26 13.73
C GLN A 15 -5.78 -9.00 13.29
N THR A 16 -5.41 -8.18 14.26
CA THR A 16 -4.71 -6.90 14.05
C THR A 16 -3.42 -6.85 14.88
N PHE A 17 -2.47 -6.05 14.41
CA PHE A 17 -1.20 -5.83 15.07
C PHE A 17 -1.04 -4.35 15.40
N LEU A 18 -0.21 -4.07 16.41
CA LEU A 18 0.13 -2.70 16.80
C LEU A 18 1.19 -2.13 15.85
N PHE A 19 0.83 -1.08 15.14
CA PHE A 19 1.70 -0.36 14.23
C PHE A 19 1.64 1.13 14.50
N GLN A 20 2.79 1.74 14.78
CA GLN A 20 2.88 3.17 15.08
C GLN A 20 1.93 3.62 16.22
N GLY A 21 1.57 2.69 17.10
CA GLY A 21 0.59 2.95 18.17
C GLY A 21 -0.86 2.96 17.69
N GLN A 22 -1.13 2.49 16.46
CA GLN A 22 -2.45 2.40 15.84
C GLN A 22 -2.80 0.94 15.48
N PRO A 23 -4.03 0.49 15.76
CA PRO A 23 -4.53 -0.84 15.40
C PRO A 23 -4.73 -0.99 13.89
N VAL A 24 -4.33 -2.14 13.34
CA VAL A 24 -4.43 -2.45 11.91
C VAL A 24 -4.59 -3.95 11.66
N VAL A 25 -5.65 -4.35 10.95
CA VAL A 25 -5.91 -5.75 10.62
C VAL A 25 -4.83 -6.29 9.65
N ASN A 26 -4.41 -7.54 9.85
CA ASN A 26 -3.44 -8.22 9.00
C ASN A 26 -4.16 -9.12 7.99
N ARG A 27 -4.04 -8.77 6.71
CA ARG A 27 -4.64 -9.54 5.59
C ARG A 27 -4.17 -9.02 4.22
N PRO A 28 -4.43 -9.75 3.14
CA PRO A 28 -4.16 -9.31 1.77
C PRO A 28 -5.10 -8.17 1.35
N LEU A 29 -4.53 -7.08 0.86
CA LEU A 29 -5.28 -5.94 0.36
C LEU A 29 -6.15 -6.33 -0.84
N SER A 30 -7.31 -5.70 -0.96
CA SER A 30 -8.24 -5.95 -2.04
C SER A 30 -8.17 -4.85 -3.09
N LEU A 31 -8.99 -4.95 -4.15
CA LEU A 31 -9.09 -3.93 -5.19
C LEU A 31 -9.35 -2.55 -4.59
N LYS A 32 -10.13 -2.48 -3.51
CA LYS A 32 -10.39 -1.23 -2.79
C LYS A 32 -9.09 -0.59 -2.36
N ASP A 33 -8.18 -1.35 -1.77
CA ASP A 33 -6.94 -0.83 -1.24
C ASP A 33 -6.04 -0.33 -2.35
N GLN A 34 -6.01 -1.03 -3.47
CA GLN A 34 -5.23 -0.65 -4.64
C GLN A 34 -5.76 0.66 -5.24
N GLN A 35 -7.09 0.78 -5.35
CA GLN A 35 -7.74 1.98 -5.89
C GLN A 35 -7.64 3.16 -4.93
N THR A 36 -8.03 2.95 -3.67
CA THR A 36 -7.95 3.96 -2.63
C THR A 36 -6.51 4.39 -2.43
N PHE A 37 -5.54 3.48 -2.53
CA PHE A 37 -4.13 3.82 -2.40
C PHE A 37 -3.76 4.86 -3.41
N ALA A 38 -3.73 4.56 -4.66
CA ALA A 38 -3.38 5.50 -5.71
C ALA A 38 -4.18 6.82 -5.68
N ARG A 39 -5.39 6.76 -5.13
CA ARG A 39 -6.30 7.89 -4.97
C ARG A 39 -6.08 8.66 -3.66
N SER A 40 -5.27 8.11 -2.75
CA SER A 40 -4.98 8.65 -1.43
C SER A 40 -3.55 9.17 -1.34
N VAL A 41 -2.56 8.34 -1.68
CA VAL A 41 -1.16 8.77 -1.74
C VAL A 41 -0.93 9.87 -2.77
N GLY A 42 -1.62 9.78 -3.91
CA GLY A 42 -1.47 10.72 -5.02
C GLY A 42 0.00 10.91 -5.44
N LEU A 43 0.67 11.95 -4.93
CA LEU A 43 2.10 12.21 -5.16
C LEU A 43 3.02 11.31 -4.35
N LYS A 44 2.57 10.87 -3.17
CA LYS A 44 3.31 9.94 -2.30
C LYS A 44 3.45 8.55 -2.89
N TRP A 45 2.73 8.29 -3.97
CA TRP A 45 2.81 7.02 -4.68
C TRP A 45 4.26 6.62 -4.99
N ARG A 46 5.10 7.61 -5.28
CA ARG A 46 6.52 7.43 -5.56
C ARG A 46 7.28 7.06 -4.30
N LYS A 47 6.99 7.78 -3.21
CA LYS A 47 7.62 7.55 -1.92
C LYS A 47 7.29 6.17 -1.37
N VAL A 48 6.00 5.82 -1.35
CA VAL A 48 5.55 4.51 -0.86
C VAL A 48 6.22 3.39 -1.65
N GLY A 49 6.28 3.53 -2.97
CA GLY A 49 6.92 2.51 -3.78
C GLY A 49 8.41 2.40 -3.43
N ARG A 50 9.12 3.53 -3.32
CA ARG A 50 10.57 3.58 -3.01
C ARG A 50 10.90 3.12 -1.60
N SER A 51 10.00 3.37 -0.66
CA SER A 51 10.11 2.94 0.72
C SER A 51 9.87 1.44 0.86
N LEU A 52 8.96 0.89 0.04
CA LEU A 52 8.68 -0.54 0.04
C LEU A 52 9.84 -1.36 -0.54
N GLN A 53 10.76 -0.73 -1.25
CA GLN A 53 11.92 -1.39 -1.86
C GLN A 53 12.79 -2.09 -0.81
N ARG A 54 13.10 -1.37 0.29
CA ARG A 54 13.85 -1.92 1.42
C ARG A 54 12.99 -2.85 2.28
N GLY A 55 11.73 -2.48 2.51
CA GLY A 55 10.81 -3.26 3.33
C GLY A 55 10.53 -4.65 2.77
N CYS A 56 10.32 -4.74 1.45
CA CYS A 56 10.06 -5.97 0.73
C CYS A 56 11.10 -6.18 -0.37
N ARG A 57 11.97 -7.19 -0.18
CA ARG A 57 12.98 -7.57 -1.18
C ARG A 57 12.38 -8.01 -2.51
N ALA A 58 11.10 -8.40 -2.50
CA ALA A 58 10.36 -8.81 -3.68
C ALA A 58 10.07 -7.64 -4.63
N LEU A 59 10.08 -6.41 -4.12
CA LEU A 59 9.80 -5.19 -4.87
C LEU A 59 11.01 -4.26 -4.84
N ARG A 60 12.16 -4.71 -4.36
CA ARG A 60 13.39 -3.91 -4.26
C ARG A 60 13.90 -3.48 -5.62
N ASP A 61 13.67 -4.33 -6.62
CA ASP A 61 14.08 -4.12 -8.00
C ASP A 61 13.56 -2.76 -8.51
N PRO A 62 14.12 -2.23 -9.61
CA PRO A 62 13.71 -0.98 -10.23
C PRO A 62 12.31 -1.09 -10.88
N ALA A 63 11.35 -1.78 -10.23
CA ALA A 63 9.99 -1.92 -10.68
C ALA A 63 9.37 -0.54 -10.87
N LEU A 64 9.50 0.37 -9.90
CA LEU A 64 8.95 1.73 -9.98
C LEU A 64 9.32 2.44 -11.28
N ASP A 65 10.52 2.19 -11.79
CA ASP A 65 11.02 2.79 -13.03
C ASP A 65 10.13 2.41 -14.21
N SER A 66 9.95 1.10 -14.43
CA SER A 66 9.08 0.57 -15.47
C SER A 66 7.61 0.79 -15.14
N LEU A 67 7.23 0.77 -13.86
CA LEU A 67 5.87 1.01 -13.41
C LEU A 67 5.43 2.42 -13.80
N ALA A 68 6.24 3.44 -13.55
CA ALA A 68 5.90 4.79 -13.91
C ALA A 68 5.77 4.95 -15.42
N TYR A 69 6.67 4.36 -16.20
CA TYR A 69 6.68 4.45 -17.66
C TYR A 69 5.54 3.65 -18.32
N GLU A 70 5.26 2.45 -17.82
CA GLU A 70 4.18 1.59 -18.28
C GLU A 70 2.79 2.13 -17.87
N TYR A 71 2.70 2.67 -16.66
CA TYR A 71 1.48 3.26 -16.12
C TYR A 71 1.43 4.77 -16.32
N GLU A 72 2.34 5.30 -17.15
CA GLU A 72 2.41 6.73 -17.47
C GLU A 72 1.20 7.17 -18.32
N ARG A 73 0.42 6.21 -18.81
CA ARG A 73 -0.78 6.44 -19.60
C ARG A 73 -1.92 6.99 -18.74
N GLU A 74 -2.22 6.30 -17.65
CA GLU A 74 -3.28 6.72 -16.72
C GLU A 74 -2.78 7.77 -15.72
N GLY A 75 -1.50 7.73 -15.38
CA GLY A 75 -0.90 8.64 -14.42
C GLY A 75 -0.71 7.96 -13.07
N LEU A 76 -0.75 8.76 -12.01
CA LEU A 76 -0.53 8.31 -10.63
C LEU A 76 -1.59 7.28 -10.20
N TYR A 77 -2.75 7.31 -10.87
CA TYR A 77 -3.87 6.41 -10.63
C TYR A 77 -3.48 4.97 -10.90
N GLU A 78 -3.25 4.62 -12.17
CA GLU A 78 -2.84 3.27 -12.54
C GLU A 78 -1.43 2.95 -12.01
N GLN A 79 -0.58 3.97 -11.85
CA GLN A 79 0.77 3.82 -11.37
C GLN A 79 0.80 3.11 -10.03
N ALA A 80 0.10 3.69 -9.08
CA ALA A 80 0.01 3.14 -7.74
C ALA A 80 -1.04 2.04 -7.60
N PHE A 81 -2.06 2.05 -8.46
CA PHE A 81 -3.09 1.04 -8.45
C PHE A 81 -2.48 -0.35 -8.62
N GLN A 82 -1.78 -0.56 -9.73
CA GLN A 82 -1.13 -1.84 -9.98
C GLN A 82 0.11 -2.05 -9.13
N LEU A 83 0.74 -0.97 -8.65
CA LEU A 83 1.88 -1.06 -7.73
C LEU A 83 1.56 -1.89 -6.49
N LEU A 84 0.32 -1.81 -6.02
CA LEU A 84 -0.13 -2.57 -4.85
C LEU A 84 -0.30 -4.06 -5.16
N ARG A 85 -0.63 -4.37 -6.42
CA ARG A 85 -0.80 -5.74 -6.90
C ARG A 85 0.54 -6.42 -7.14
N ARG A 86 1.58 -5.64 -7.44
CA ARG A 86 2.94 -6.16 -7.64
C ARG A 86 3.38 -7.05 -6.48
N PHE A 87 3.05 -6.63 -5.26
CA PHE A 87 3.34 -7.40 -4.07
C PHE A 87 2.48 -8.66 -3.94
N VAL A 88 1.20 -8.54 -4.28
CA VAL A 88 0.26 -9.66 -4.24
C VAL A 88 0.58 -10.70 -5.31
N GLN A 89 1.08 -10.28 -6.46
CA GLN A 89 1.48 -11.17 -7.54
C GLN A 89 2.62 -12.09 -7.10
N ALA A 90 3.54 -11.60 -6.26
CA ALA A 90 4.66 -12.39 -5.77
C ALA A 90 4.19 -13.64 -5.00
N GLU A 91 3.30 -13.43 -4.03
CA GLU A 91 2.78 -14.51 -3.20
C GLU A 91 1.26 -14.45 -3.04
N GLY A 92 0.75 -13.28 -2.66
CA GLY A 92 -0.67 -12.99 -2.53
C GLY A 92 -1.29 -13.57 -1.25
N ARG A 93 -1.08 -14.87 -1.03
CA ARG A 93 -1.49 -15.57 0.20
C ARG A 93 -0.66 -15.14 1.41
N ARG A 94 0.66 -14.99 1.21
CA ARG A 94 1.59 -14.59 2.27
C ARG A 94 1.69 -13.07 2.40
N ALA A 95 1.68 -12.39 1.24
CA ALA A 95 1.73 -10.94 1.17
C ALA A 95 0.62 -10.33 2.04
N THR A 96 1.01 -9.65 3.11
CA THR A 96 0.10 -9.02 4.07
C THR A 96 0.29 -7.52 4.08
N LEU A 97 -0.74 -6.80 4.54
CA LEU A 97 -0.69 -5.34 4.65
C LEU A 97 0.55 -4.92 5.40
N GLN A 98 1.05 -5.68 6.37
CA GLN A 98 2.25 -5.40 7.15
C GLN A 98 3.38 -4.76 6.31
N ARG A 99 3.69 -5.37 5.15
CA ARG A 99 4.73 -4.90 4.22
C ARG A 99 4.40 -3.53 3.67
N LEU A 100 3.19 -3.37 3.13
CA LEU A 100 2.73 -2.08 2.66
C LEU A 100 2.87 -1.03 3.79
N VAL A 101 2.40 -1.33 5.00
CA VAL A 101 2.46 -0.39 6.12
C VAL A 101 3.88 0.04 6.43
N GLU A 102 4.82 -0.90 6.40
CA GLU A 102 6.23 -0.61 6.60
C GLU A 102 6.76 0.45 5.62
N ALA A 103 6.26 0.46 4.38
CA ALA A 103 6.62 1.47 3.39
C ALA A 103 6.08 2.86 3.75
N LEU A 104 4.87 2.92 4.30
CA LEU A 104 4.27 4.18 4.72
C LEU A 104 4.92 4.73 5.99
N GLU A 105 5.41 3.84 6.84
CA GLU A 105 6.12 4.20 8.07
C GLU A 105 7.39 5.03 7.80
N GLU A 106 7.92 4.95 6.57
CA GLU A 106 9.08 5.72 6.15
C GLU A 106 8.75 7.18 5.88
N ASN A 107 7.68 7.43 5.12
CA ASN A 107 7.24 8.79 4.83
C ASN A 107 6.36 9.37 5.95
N GLU A 108 6.18 8.63 7.03
CA GLU A 108 5.38 9.06 8.18
C GLU A 108 3.88 9.10 7.88
N LEU A 109 3.41 8.14 7.06
CA LEU A 109 2.02 8.04 6.61
C LEU A 109 1.20 7.15 7.55
N THR A 110 1.20 7.48 8.84
CA THR A 110 0.46 6.71 9.86
C THR A 110 -1.04 6.68 9.58
N SER A 111 -1.63 7.86 9.39
CA SER A 111 -3.03 8.00 9.04
C SER A 111 -3.32 7.33 7.70
N LEU A 112 -2.45 7.48 6.71
CA LEU A 112 -2.65 6.84 5.42
C LEU A 112 -2.62 5.32 5.52
N ALA A 113 -1.83 4.74 6.43
CA ALA A 113 -1.74 3.29 6.59
C ALA A 113 -3.06 2.67 7.04
N GLU A 114 -3.65 3.21 8.11
CA GLU A 114 -4.95 2.79 8.60
C GLU A 114 -6.10 3.24 7.67
N ASP A 115 -6.06 4.47 7.17
CA ASP A 115 -7.06 4.98 6.24
C ASP A 115 -7.05 4.22 4.91
N LEU A 116 -5.92 3.60 4.56
CA LEU A 116 -5.80 2.82 3.34
C LEU A 116 -6.81 1.68 3.27
N LEU A 117 -6.96 1.01 4.42
CA LEU A 117 -7.91 -0.10 4.57
C LEU A 117 -9.34 0.39 4.68
N GLY A 118 -9.55 1.70 4.72
CA GLY A 118 -10.84 2.32 4.90
C GLY A 118 -11.25 2.49 6.37
N LEU A 119 -10.29 2.80 7.25
CA LEU A 119 -10.54 3.05 8.68
C LEU A 119 -10.96 4.50 8.97
N THR A 120 -11.23 5.29 7.92
CA THR A 120 -11.70 6.69 8.02
C THR A 120 -13.21 6.78 8.25
N ASP A 121 -13.86 5.66 8.54
CA ASP A 121 -15.30 5.60 8.76
C ASP A 121 -15.64 5.43 10.25
N PRO A 122 -16.84 5.86 10.67
CA PRO A 122 -17.34 5.74 12.04
C PRO A 122 -17.65 4.28 12.46
N ASN A 123 -17.13 3.30 11.71
CA ASN A 123 -17.33 1.88 11.93
C ASN A 123 -16.07 1.09 11.54
N GLY A 124 -15.68 1.13 10.27
CA GLY A 124 -14.55 0.36 9.74
C GLY A 124 -14.72 0.05 8.26
N GLY A 125 -14.44 -1.19 7.87
CA GLY A 125 -14.55 -1.63 6.48
C GLY A 125 -14.50 -3.15 6.33
N LEU A 126 -13.30 -3.71 6.41
CA LEU A 126 -13.08 -5.16 6.32
C LEU A 126 -13.51 -5.87 7.61
N ALA A 127 -13.46 -7.21 7.60
CA ALA A 127 -13.81 -8.06 8.74
C ALA A 127 -13.23 -9.50 8.60
N ALA A 14 -10.31 -8.45 14.67
CA ALA A 14 -9.92 -9.87 14.93
C ALA A 14 -8.43 -9.97 15.26
N GLN A 15 -7.57 -9.95 14.24
CA GLN A 15 -6.12 -10.08 14.37
C GLN A 15 -5.42 -8.84 13.77
N THR A 16 -5.11 -7.89 14.66
CA THR A 16 -4.48 -6.61 14.34
C THR A 16 -3.23 -6.42 15.18
N PHE A 17 -2.29 -5.66 14.62
CA PHE A 17 -1.04 -5.31 15.30
C PHE A 17 -0.97 -3.78 15.47
N LEU A 18 -0.20 -3.35 16.48
CA LEU A 18 0.07 -1.94 16.72
C LEU A 18 1.11 -1.43 15.74
N PHE A 19 0.75 -0.38 15.00
CA PHE A 19 1.64 0.27 14.05
C PHE A 19 1.47 1.79 14.17
N GLN A 20 2.57 2.50 14.44
CA GLN A 20 2.56 3.95 14.60
C GLN A 20 1.52 4.46 15.63
N GLY A 21 1.13 3.62 16.58
CA GLY A 21 0.06 3.92 17.55
C GLY A 21 -1.34 3.81 16.97
N GLN A 22 -1.50 3.16 15.82
CA GLN A 22 -2.76 2.95 15.12
C GLN A 22 -3.03 1.44 14.93
N PRO A 23 -4.27 0.99 15.23
CA PRO A 23 -4.71 -0.39 15.02
C PRO A 23 -4.85 -0.71 13.52
N VAL A 24 -4.33 -1.88 13.10
CA VAL A 24 -4.40 -2.35 11.71
C VAL A 24 -4.47 -3.88 11.63
N VAL A 25 -5.48 -4.39 10.93
CA VAL A 25 -5.66 -5.84 10.75
C VAL A 25 -4.64 -6.39 9.76
N ASN A 26 -4.08 -7.57 10.06
CA ASN A 26 -3.16 -8.27 9.19
C ASN A 26 -3.93 -9.15 8.19
N ARG A 27 -3.81 -8.83 6.90
CA ARG A 27 -4.44 -9.59 5.80
C ARG A 27 -3.94 -9.11 4.41
N PRO A 28 -4.23 -9.87 3.33
CA PRO A 28 -3.97 -9.45 1.96
C PRO A 28 -4.89 -8.30 1.53
N LEU A 29 -4.27 -7.22 1.04
CA LEU A 29 -4.99 -6.03 0.53
C LEU A 29 -5.85 -6.42 -0.67
N SER A 30 -7.08 -5.89 -0.68
CA SER A 30 -8.02 -6.14 -1.78
C SER A 30 -7.91 -5.05 -2.85
N LEU A 31 -8.72 -5.16 -3.89
CA LEU A 31 -8.85 -4.13 -4.89
C LEU A 31 -9.12 -2.74 -4.28
N LYS A 32 -9.94 -2.69 -3.23
CA LYS A 32 -10.24 -1.45 -2.50
C LYS A 32 -8.94 -0.77 -2.08
N ASP A 33 -7.98 -1.53 -1.55
CA ASP A 33 -6.75 -0.97 -1.01
C ASP A 33 -5.94 -0.35 -2.15
N GLN A 34 -5.94 -0.94 -3.34
CA GLN A 34 -5.23 -0.45 -4.52
C GLN A 34 -5.82 0.88 -5.00
N GLN A 35 -7.16 0.97 -4.98
CA GLN A 35 -7.89 2.19 -5.36
C GLN A 35 -7.72 3.27 -4.30
N THR A 36 -8.02 2.96 -3.04
CA THR A 36 -7.91 3.91 -1.93
C THR A 36 -6.47 4.36 -1.78
N PHE A 37 -5.49 3.48 -1.96
CA PHE A 37 -4.08 3.82 -1.94
C PHE A 37 -3.75 4.85 -2.95
N ALA A 38 -3.78 4.53 -4.23
CA ALA A 38 -3.44 5.49 -5.28
C ALA A 38 -4.26 6.79 -5.23
N ARG A 39 -5.46 6.72 -4.64
CA ARG A 39 -6.36 7.86 -4.42
C ARG A 39 -6.09 8.65 -3.13
N SER A 40 -5.27 8.11 -2.23
CA SER A 40 -4.91 8.69 -0.93
C SER A 40 -3.48 9.22 -0.95
N VAL A 41 -2.51 8.39 -1.35
CA VAL A 41 -1.11 8.83 -1.45
C VAL A 41 -0.94 9.89 -2.53
N GLY A 42 -1.67 9.76 -3.64
CA GLY A 42 -1.57 10.66 -4.79
C GLY A 42 -0.13 10.85 -5.27
N LEU A 43 0.55 11.90 -4.83
CA LEU A 43 1.98 12.17 -5.11
C LEU A 43 2.94 11.27 -4.32
N LYS A 44 2.53 10.86 -3.12
CA LYS A 44 3.31 9.95 -2.26
C LYS A 44 3.42 8.54 -2.80
N TRP A 45 2.67 8.25 -3.85
CA TRP A 45 2.73 6.96 -4.52
C TRP A 45 4.16 6.56 -4.90
N ARG A 46 4.97 7.55 -5.28
CA ARG A 46 6.39 7.37 -5.62
C ARG A 46 7.20 6.99 -4.39
N LYS A 47 6.97 7.70 -3.29
CA LYS A 47 7.66 7.45 -2.01
C LYS A 47 7.35 6.04 -1.52
N VAL A 48 6.07 5.66 -1.48
CA VAL A 48 5.64 4.32 -0.99
C VAL A 48 6.36 3.22 -1.72
N GLY A 49 6.46 3.34 -3.04
CA GLY A 49 7.13 2.34 -3.83
C GLY A 49 8.58 2.15 -3.38
N ARG A 50 9.30 3.26 -3.12
CA ARG A 50 10.71 3.23 -2.69
C ARG A 50 10.83 2.66 -1.28
N SER A 51 9.93 3.04 -0.39
CA SER A 51 9.92 2.55 1.00
C SER A 51 9.63 1.06 1.06
N LEU A 52 8.81 0.58 0.13
CA LEU A 52 8.49 -0.84 0.00
C LEU A 52 9.71 -1.70 -0.34
N GLN A 53 10.74 -1.11 -0.95
CA GLN A 53 11.99 -1.81 -1.28
C GLN A 53 12.68 -2.37 -0.03
N ARG A 54 12.77 -1.55 1.02
CA ARG A 54 13.37 -1.96 2.30
C ARG A 54 12.51 -3.01 3.02
N GLY A 55 11.18 -2.88 2.90
CA GLY A 55 10.24 -3.79 3.55
C GLY A 55 10.22 -5.18 2.90
N CYS A 56 9.94 -5.23 1.60
CA CYS A 56 9.93 -6.46 0.80
C CYS A 56 10.89 -6.33 -0.38
N ARG A 57 11.95 -7.14 -0.36
CA ARG A 57 12.94 -7.25 -1.45
C ARG A 57 12.30 -7.65 -2.78
N ALA A 58 11.16 -8.32 -2.75
CA ALA A 58 10.39 -8.67 -3.95
C ALA A 58 9.96 -7.45 -4.78
N LEU A 59 9.94 -6.26 -4.16
CA LEU A 59 9.56 -4.99 -4.80
C LEU A 59 10.70 -3.97 -4.79
N ARG A 60 11.91 -4.43 -4.46
CA ARG A 60 13.14 -3.61 -4.47
C ARG A 60 13.69 -3.39 -5.87
N ASP A 61 13.33 -4.24 -6.80
CA ASP A 61 13.75 -4.12 -8.20
C ASP A 61 13.35 -2.75 -8.78
N PRO A 62 13.93 -2.36 -9.93
CA PRO A 62 13.58 -1.14 -10.66
C PRO A 62 12.17 -1.21 -11.28
N ALA A 63 11.24 -1.94 -10.66
CA ALA A 63 9.85 -2.03 -11.10
C ALA A 63 9.24 -0.64 -11.17
N LEU A 64 9.41 0.23 -10.17
CA LEU A 64 8.88 1.60 -10.16
C LEU A 64 9.22 2.40 -11.42
N ASP A 65 10.41 2.17 -11.98
CA ASP A 65 10.88 2.83 -13.20
C ASP A 65 9.96 2.51 -14.37
N SER A 66 9.77 1.22 -14.64
CA SER A 66 8.87 0.73 -15.69
C SER A 66 7.41 0.96 -15.31
N LEU A 67 7.05 0.89 -14.02
CA LEU A 67 5.70 1.11 -13.52
C LEU A 67 5.27 2.54 -13.83
N ALA A 68 6.09 3.54 -13.54
CA ALA A 68 5.75 4.92 -13.82
C ALA A 68 5.62 5.14 -15.33
N TYR A 69 6.51 4.59 -16.15
CA TYR A 69 6.51 4.76 -17.60
C TYR A 69 5.35 4.01 -18.31
N GLU A 70 5.02 2.81 -17.83
CA GLU A 70 3.92 1.97 -18.33
C GLU A 70 2.56 2.52 -17.89
N TYR A 71 2.48 2.97 -16.64
CA TYR A 71 1.27 3.57 -16.05
C TYR A 71 1.26 5.09 -16.19
N GLU A 72 2.16 5.64 -16.99
CA GLU A 72 2.24 7.09 -17.27
C GLU A 72 1.06 7.57 -18.11
N ARG A 73 0.28 6.62 -18.65
CA ARG A 73 -0.90 6.88 -19.45
C ARG A 73 -2.06 7.38 -18.58
N GLU A 74 -2.41 6.63 -17.54
CA GLU A 74 -3.51 7.00 -16.64
C GLU A 74 -3.07 8.06 -15.62
N GLY A 75 -1.80 7.97 -15.15
CA GLY A 75 -1.25 8.87 -14.15
C GLY A 75 -0.95 8.14 -12.85
N LEU A 76 -0.96 8.89 -11.75
CA LEU A 76 -0.63 8.41 -10.40
C LEU A 76 -1.62 7.34 -9.93
N TYR A 77 -2.87 7.42 -10.42
CA TYR A 77 -3.93 6.47 -10.14
C TYR A 77 -3.54 5.06 -10.56
N GLU A 78 -3.42 4.80 -11.86
CA GLU A 78 -3.02 3.47 -12.36
C GLU A 78 -1.60 3.11 -11.89
N GLN A 79 -0.74 4.12 -11.70
CA GLN A 79 0.63 3.95 -11.25
C GLN A 79 0.67 3.16 -9.95
N ALA A 80 -0.01 3.69 -8.95
CA ALA A 80 -0.07 3.09 -7.65
C ALA A 80 -1.10 1.99 -7.49
N PHE A 81 -2.16 2.05 -8.30
CA PHE A 81 -3.19 1.03 -8.34
C PHE A 81 -2.57 -0.34 -8.56
N GLN A 82 -1.86 -0.52 -9.67
CA GLN A 82 -1.23 -1.80 -9.98
C GLN A 82 0.04 -2.03 -9.16
N LEU A 83 0.69 -0.98 -8.69
CA LEU A 83 1.84 -1.08 -7.78
C LEU A 83 1.54 -1.92 -6.54
N LEU A 84 0.30 -1.85 -6.04
CA LEU A 84 -0.12 -2.63 -4.88
C LEU A 84 -0.29 -4.11 -5.22
N ARG A 85 -0.63 -4.41 -6.47
CA ARG A 85 -0.80 -5.78 -6.98
C ARG A 85 0.54 -6.43 -7.23
N ARG A 86 1.60 -5.66 -7.50
CA ARG A 86 2.96 -6.15 -7.73
C ARG A 86 3.41 -7.08 -6.59
N PHE A 87 3.10 -6.70 -5.36
CA PHE A 87 3.43 -7.52 -4.18
C PHE A 87 2.58 -8.77 -4.10
N VAL A 88 1.29 -8.64 -4.41
CA VAL A 88 0.34 -9.76 -4.42
C VAL A 88 0.66 -10.76 -5.53
N GLN A 89 1.17 -10.29 -6.67
CA GLN A 89 1.57 -11.15 -7.78
C GLN A 89 2.70 -12.10 -7.37
N ALA A 90 3.62 -11.63 -6.51
CA ALA A 90 4.76 -12.43 -6.05
C ALA A 90 4.30 -13.69 -5.29
N GLU A 91 3.39 -13.50 -4.32
CA GLU A 91 2.87 -14.61 -3.52
C GLU A 91 1.35 -14.53 -3.34
N GLY A 92 0.87 -13.36 -2.91
CA GLY A 92 -0.56 -13.07 -2.75
C GLY A 92 -1.17 -13.68 -1.49
N ARG A 93 -0.97 -14.99 -1.31
CA ARG A 93 -1.38 -15.74 -0.11
C ARG A 93 -0.55 -15.34 1.11
N ARG A 94 0.76 -15.19 0.92
CA ARG A 94 1.69 -14.77 1.99
C ARG A 94 1.76 -13.26 2.13
N ALA A 95 1.64 -12.54 1.02
CA ALA A 95 1.64 -11.08 1.01
C ALA A 95 0.60 -10.53 1.99
N THR A 96 1.10 -9.79 2.98
CA THR A 96 0.27 -9.21 4.03
C THR A 96 0.43 -7.70 4.09
N LEU A 97 -0.56 -7.03 4.67
CA LEU A 97 -0.52 -5.59 4.82
C LEU A 97 0.72 -5.17 5.60
N GLN A 98 1.18 -5.94 6.57
CA GLN A 98 2.38 -5.66 7.37
C GLN A 98 3.52 -5.05 6.54
N ARG A 99 3.82 -5.64 5.38
CA ARG A 99 4.89 -5.18 4.48
C ARG A 99 4.63 -3.80 3.94
N LEU A 100 3.43 -3.60 3.40
CA LEU A 100 2.99 -2.30 2.93
C LEU A 100 3.08 -1.28 4.09
N VAL A 101 2.58 -1.63 5.27
CA VAL A 101 2.57 -0.69 6.41
C VAL A 101 3.99 -0.21 6.73
N GLU A 102 4.94 -1.12 6.77
CA GLU A 102 6.36 -0.80 7.00
C GLU A 102 6.90 0.22 5.98
N ALA A 103 6.43 0.17 4.74
CA ALA A 103 6.79 1.15 3.72
C ALA A 103 6.25 2.55 4.06
N LEU A 104 4.99 2.66 4.45
CA LEU A 104 4.41 3.94 4.84
C LEU A 104 4.92 4.46 6.19
N GLU A 105 5.28 3.54 7.09
CA GLU A 105 5.84 3.85 8.41
C GLU A 105 7.16 4.62 8.29
N GLU A 106 7.85 4.49 7.16
CA GLU A 106 9.10 5.20 6.89
C GLU A 106 8.86 6.69 6.57
N ASN A 107 7.84 6.96 5.75
CA ASN A 107 7.48 8.31 5.31
C ASN A 107 6.58 9.02 6.31
N GLU A 108 6.27 8.34 7.42
CA GLU A 108 5.44 8.85 8.49
C GLU A 108 3.97 8.99 8.08
N LEU A 109 3.49 8.03 7.27
CA LEU A 109 2.14 8.03 6.75
C LEU A 109 1.23 7.11 7.56
N THR A 110 1.11 7.37 8.86
CA THR A 110 0.25 6.58 9.74
C THR A 110 -1.21 6.63 9.31
N SER A 111 -1.74 7.86 9.20
CA SER A 111 -3.12 8.13 8.84
C SER A 111 -3.43 7.65 7.43
N LEU A 112 -2.46 7.71 6.53
CA LEU A 112 -2.60 7.20 5.18
C LEU A 112 -2.56 5.67 5.17
N ALA A 113 -1.66 5.03 5.91
CA ALA A 113 -1.52 3.58 5.96
C ALA A 113 -2.76 2.86 6.42
N GLU A 114 -3.33 3.30 7.53
CA GLU A 114 -4.63 2.81 8.01
C GLU A 114 -5.76 3.13 7.03
N ASP A 115 -5.75 4.33 6.43
CA ASP A 115 -6.76 4.74 5.45
C ASP A 115 -6.79 3.81 4.24
N LEU A 116 -5.66 3.16 3.92
CA LEU A 116 -5.59 2.22 2.80
C LEU A 116 -6.57 1.08 2.97
N LEU A 117 -6.75 0.62 4.21
CA LEU A 117 -7.69 -0.44 4.55
C LEU A 117 -9.14 0.07 4.67
N GLY A 118 -9.37 1.34 4.35
CA GLY A 118 -10.68 1.97 4.48
C GLY A 118 -11.04 2.27 5.94
N LEU A 119 -10.05 2.63 6.76
CA LEU A 119 -10.26 3.02 8.17
C LEU A 119 -10.67 4.51 8.34
N THR A 120 -10.94 5.19 7.22
CA THR A 120 -11.40 6.58 7.17
C THR A 120 -12.91 6.74 7.36
N ASP A 121 -13.57 5.65 7.76
CA ASP A 121 -15.02 5.63 7.97
C ASP A 121 -15.35 5.58 9.47
N PRO A 122 -16.57 6.03 9.86
CA PRO A 122 -17.06 6.02 11.24
C PRO A 122 -17.34 4.60 11.78
N ASN A 123 -16.90 3.56 11.07
CA ASN A 123 -17.10 2.17 11.45
C ASN A 123 -16.18 1.22 10.64
N GLY A 124 -16.26 1.30 9.31
CA GLY A 124 -15.53 0.42 8.39
C GLY A 124 -15.99 0.57 6.94
N GLY A 125 -15.72 -0.42 6.11
CA GLY A 125 -16.03 -0.37 4.68
C GLY A 125 -15.64 -1.66 3.96
N LEU A 126 -16.29 -2.77 4.33
CA LEU A 126 -16.09 -4.06 3.67
C LEU A 126 -16.35 -3.94 2.16
N ALA A 127 -15.37 -4.41 1.36
CA ALA A 127 -15.42 -4.46 -0.11
C ALA A 127 -14.26 -5.29 -0.70
N ALA A 14 -9.88 -11.67 15.34
CA ALA A 14 -9.35 -10.72 14.33
C ALA A 14 -7.87 -10.45 14.61
N GLN A 15 -6.97 -11.09 13.86
CA GLN A 15 -5.52 -10.87 13.97
C GLN A 15 -5.12 -9.42 13.68
N THR A 16 -4.79 -8.68 14.73
CA THR A 16 -4.39 -7.28 14.67
C THR A 16 -3.04 -7.06 15.30
N PHE A 17 -2.31 -6.09 14.78
CA PHE A 17 -0.99 -5.72 15.27
C PHE A 17 -0.91 -4.21 15.47
N LEU A 18 -0.14 -3.78 16.46
CA LEU A 18 0.11 -2.37 16.71
C LEU A 18 1.15 -1.83 15.72
N PHE A 19 0.83 -0.74 15.05
CA PHE A 19 1.72 -0.07 14.11
C PHE A 19 1.63 1.44 14.30
N GLN A 20 2.76 2.09 14.59
CA GLN A 20 2.80 3.55 14.81
C GLN A 20 1.79 4.05 15.84
N GLY A 21 1.38 3.18 16.76
CA GLY A 21 0.35 3.49 17.75
C GLY A 21 -1.08 3.44 17.18
N GLN A 22 -1.27 2.84 16.01
CA GLN A 22 -2.55 2.71 15.31
C GLN A 22 -2.90 1.21 15.12
N PRO A 23 -4.16 0.83 15.38
CA PRO A 23 -4.67 -0.52 15.16
C PRO A 23 -4.79 -0.85 13.67
N VAL A 24 -4.41 -2.08 13.30
CA VAL A 24 -4.42 -2.58 11.91
C VAL A 24 -4.48 -4.09 11.85
N VAL A 25 -5.14 -4.62 10.83
CA VAL A 25 -5.33 -6.06 10.63
C VAL A 25 -4.36 -6.59 9.59
N ASN A 26 -3.85 -7.79 9.82
CA ASN A 26 -2.97 -8.47 8.89
C ASN A 26 -3.74 -9.35 7.91
N ARG A 27 -3.67 -9.01 6.62
CA ARG A 27 -4.34 -9.75 5.53
C ARG A 27 -3.94 -9.24 4.14
N PRO A 28 -4.28 -9.97 3.06
CA PRO A 28 -4.10 -9.54 1.69
C PRO A 28 -5.03 -8.38 1.32
N LEU A 29 -4.45 -7.27 0.88
CA LEU A 29 -5.18 -6.10 0.42
C LEU A 29 -6.06 -6.45 -0.77
N SER A 30 -7.24 -5.87 -0.80
CA SER A 30 -8.23 -6.07 -1.86
C SER A 30 -8.12 -4.99 -2.93
N LEU A 31 -8.95 -5.08 -3.96
CA LEU A 31 -9.00 -4.07 -5.01
C LEU A 31 -9.21 -2.66 -4.43
N LYS A 32 -10.06 -2.56 -3.41
CA LYS A 32 -10.34 -1.32 -2.68
C LYS A 32 -9.07 -0.63 -2.22
N ASP A 33 -8.07 -1.40 -1.78
CA ASP A 33 -6.82 -0.86 -1.26
C ASP A 33 -6.01 -0.26 -2.39
N GLN A 34 -5.97 -0.90 -3.57
CA GLN A 34 -5.28 -0.40 -4.74
C GLN A 34 -5.86 0.92 -5.22
N GLN A 35 -7.19 1.03 -5.20
CA GLN A 35 -7.91 2.25 -5.57
C GLN A 35 -7.77 3.32 -4.50
N THR A 36 -8.08 2.99 -3.24
CA THR A 36 -7.99 3.93 -2.12
C THR A 36 -6.56 4.40 -1.96
N PHE A 37 -5.56 3.52 -2.08
CA PHE A 37 -4.15 3.86 -2.03
C PHE A 37 -3.83 4.90 -3.03
N ALA A 38 -3.82 4.56 -4.32
CA ALA A 38 -3.49 5.50 -5.37
C ALA A 38 -4.31 6.80 -5.34
N ARG A 39 -5.52 6.74 -4.77
CA ARG A 39 -6.43 7.87 -4.59
C ARG A 39 -6.18 8.66 -3.29
N SER A 40 -5.37 8.13 -2.38
CA SER A 40 -5.05 8.70 -1.09
C SER A 40 -3.63 9.26 -1.08
N VAL A 41 -2.63 8.46 -1.44
CA VAL A 41 -1.25 8.93 -1.56
C VAL A 41 -1.07 9.95 -2.67
N GLY A 42 -1.76 9.78 -3.79
CA GLY A 42 -1.67 10.64 -4.95
C GLY A 42 -0.22 10.83 -5.42
N LEU A 43 0.44 11.92 -5.02
CA LEU A 43 1.86 12.19 -5.29
C LEU A 43 2.82 11.34 -4.45
N LYS A 44 2.40 10.94 -3.24
CA LYS A 44 3.17 10.07 -2.35
C LYS A 44 3.29 8.66 -2.84
N TRP A 45 2.56 8.31 -3.89
CA TRP A 45 2.62 7.01 -4.52
C TRP A 45 4.06 6.58 -4.84
N ARG A 46 4.89 7.57 -5.22
CA ARG A 46 6.30 7.36 -5.53
C ARG A 46 7.08 7.04 -4.27
N LYS A 47 6.81 7.78 -3.19
CA LYS A 47 7.48 7.60 -1.91
C LYS A 47 7.16 6.24 -1.30
N VAL A 48 5.88 5.87 -1.27
CA VAL A 48 5.46 4.57 -0.72
C VAL A 48 6.14 3.44 -1.46
N GLY A 49 6.20 3.54 -2.78
CA GLY A 49 6.86 2.54 -3.56
C GLY A 49 8.32 2.41 -3.13
N ARG A 50 9.04 3.54 -3.02
CA ARG A 50 10.48 3.57 -2.70
C ARG A 50 10.78 3.05 -1.29
N SER A 51 9.88 3.32 -0.36
CA SER A 51 9.98 2.80 0.99
C SER A 51 9.72 1.31 1.07
N LEU A 52 8.82 0.79 0.23
CA LEU A 52 8.52 -0.64 0.16
C LEU A 52 9.70 -1.44 -0.39
N GLN A 53 10.63 -0.79 -1.09
CA GLN A 53 11.80 -1.43 -1.69
C GLN A 53 12.63 -2.15 -0.62
N ARG A 54 12.93 -1.45 0.49
CA ARG A 54 13.65 -2.04 1.62
C ARG A 54 12.76 -2.96 2.45
N GLY A 55 11.48 -2.63 2.57
CA GLY A 55 10.53 -3.39 3.37
C GLY A 55 10.31 -4.82 2.84
N CYS A 56 10.06 -4.95 1.54
CA CYS A 56 9.89 -6.22 0.86
C CYS A 56 10.90 -6.37 -0.27
N ARG A 57 11.75 -7.39 -0.17
CA ARG A 57 12.73 -7.76 -1.21
C ARG A 57 12.06 -8.17 -2.52
N ALA A 58 10.78 -8.51 -2.50
CA ALA A 58 10.03 -8.85 -3.70
C ALA A 58 9.80 -7.63 -4.61
N LEU A 59 9.82 -6.42 -4.04
CA LEU A 59 9.60 -5.17 -4.76
C LEU A 59 10.81 -4.26 -4.65
N ARG A 60 11.94 -4.75 -4.14
CA ARG A 60 13.18 -3.98 -3.99
C ARG A 60 13.82 -3.58 -5.30
N ASP A 61 13.60 -4.41 -6.32
CA ASP A 61 14.10 -4.19 -7.67
C ASP A 61 13.64 -2.84 -8.21
N PRO A 62 14.26 -2.32 -9.28
CA PRO A 62 13.89 -1.09 -9.95
C PRO A 62 12.51 -1.17 -10.65
N ALA A 63 11.56 -1.95 -10.12
CA ALA A 63 10.23 -2.09 -10.64
C ALA A 63 9.56 -0.71 -10.76
N LEU A 64 9.70 0.17 -9.74
CA LEU A 64 9.13 1.52 -9.76
C LEU A 64 9.45 2.32 -11.02
N ASP A 65 10.65 2.11 -11.55
CA ASP A 65 11.13 2.77 -12.76
C ASP A 65 10.24 2.43 -13.96
N SER A 66 10.10 1.13 -14.25
CA SER A 66 9.20 0.65 -15.30
C SER A 66 7.75 0.84 -14.90
N LEU A 67 7.38 0.76 -13.63
CA LEU A 67 6.03 0.96 -13.15
C LEU A 67 5.52 2.35 -13.50
N ALA A 68 6.36 3.37 -13.32
CA ALA A 68 5.96 4.73 -13.64
C ALA A 68 5.72 4.91 -15.14
N TYR A 69 6.64 4.41 -15.99
CA TYR A 69 6.55 4.52 -17.44
C TYR A 69 5.44 3.63 -18.04
N GLU A 70 5.33 2.39 -17.58
CA GLU A 70 4.30 1.43 -17.98
C GLU A 70 2.90 1.91 -17.58
N TYR A 71 2.79 2.51 -16.39
CA TYR A 71 1.53 3.05 -15.87
C TYR A 71 1.43 4.57 -16.07
N GLU A 72 2.31 5.13 -16.89
CA GLU A 72 2.33 6.56 -17.22
C GLU A 72 1.15 6.96 -18.12
N ARG A 73 0.41 5.95 -18.61
CA ARG A 73 -0.75 6.14 -19.46
C ARG A 73 -1.88 6.82 -18.70
N GLU A 74 -2.22 6.30 -17.53
CA GLU A 74 -3.28 6.86 -16.68
C GLU A 74 -2.72 7.96 -15.76
N GLY A 75 -1.54 7.71 -15.19
CA GLY A 75 -0.92 8.63 -14.24
C GLY A 75 -0.69 7.96 -12.89
N LEU A 76 -0.75 8.76 -11.82
CA LEU A 76 -0.50 8.32 -10.44
C LEU A 76 -1.51 7.26 -9.98
N TYR A 77 -2.75 7.37 -10.50
CA TYR A 77 -3.82 6.43 -10.22
C TYR A 77 -3.44 5.01 -10.61
N GLU A 78 -3.29 4.76 -11.92
CA GLU A 78 -2.88 3.43 -12.41
C GLU A 78 -1.49 3.06 -11.89
N GLN A 79 -0.63 4.05 -11.66
CA GLN A 79 0.72 3.84 -11.16
C GLN A 79 0.70 3.10 -9.86
N ALA A 80 0.01 3.65 -8.88
CA ALA A 80 -0.09 3.03 -7.57
C ALA A 80 -1.14 1.92 -7.47
N PHE A 81 -2.18 2.01 -8.30
CA PHE A 81 -3.21 1.01 -8.37
C PHE A 81 -2.61 -0.36 -8.67
N GLN A 82 -1.92 -0.49 -9.80
CA GLN A 82 -1.30 -1.74 -10.18
C GLN A 82 -0.08 -2.04 -9.31
N LEU A 83 0.62 -1.02 -8.83
CA LEU A 83 1.76 -1.19 -7.92
C LEU A 83 1.39 -2.03 -6.68
N LEU A 84 0.20 -1.83 -6.15
CA LEU A 84 -0.26 -2.60 -5.00
C LEU A 84 -0.43 -4.08 -5.31
N ARG A 85 -0.81 -4.39 -6.56
CA ARG A 85 -0.98 -5.75 -7.04
C ARG A 85 0.35 -6.40 -7.35
N ARG A 86 1.40 -5.63 -7.63
CA ARG A 86 2.74 -6.13 -7.90
C ARG A 86 3.24 -7.06 -6.79
N PHE A 87 2.99 -6.66 -5.54
CA PHE A 87 3.37 -7.48 -4.39
C PHE A 87 2.51 -8.74 -4.29
N VAL A 88 1.22 -8.61 -4.59
CA VAL A 88 0.27 -9.72 -4.57
C VAL A 88 0.56 -10.71 -5.69
N GLN A 89 1.04 -10.25 -6.84
CA GLN A 89 1.41 -11.09 -7.96
C GLN A 89 2.56 -12.04 -7.59
N ALA A 90 3.49 -11.58 -6.74
CA ALA A 90 4.63 -12.38 -6.32
C ALA A 90 4.19 -13.63 -5.55
N GLU A 91 3.35 -13.44 -4.52
CA GLU A 91 2.86 -14.53 -3.69
C GLU A 91 1.34 -14.45 -3.49
N GLY A 92 0.85 -13.29 -3.08
CA GLY A 92 -0.57 -13.00 -2.88
C GLY A 92 -1.12 -13.59 -1.60
N ARG A 93 -0.91 -14.88 -1.39
CA ARG A 93 -1.28 -15.61 -0.16
C ARG A 93 -0.48 -15.14 1.04
N ARG A 94 0.83 -14.95 0.84
CA ARG A 94 1.74 -14.43 1.88
C ARG A 94 1.73 -12.91 1.97
N ALA A 95 1.52 -12.23 0.84
CA ALA A 95 1.45 -10.78 0.78
C ALA A 95 0.44 -10.25 1.81
N THR A 96 0.95 -9.59 2.84
CA THR A 96 0.16 -9.02 3.93
C THR A 96 0.29 -7.51 3.96
N LEU A 97 -0.71 -6.86 4.56
CA LEU A 97 -0.71 -5.42 4.74
C LEU A 97 0.55 -4.98 5.47
N GLN A 98 1.06 -5.77 6.44
CA GLN A 98 2.24 -5.45 7.23
C GLN A 98 3.36 -4.81 6.39
N ARG A 99 3.65 -5.41 5.23
CA ARG A 99 4.68 -4.95 4.30
C ARG A 99 4.36 -3.58 3.73
N LEU A 100 3.15 -3.42 3.18
CA LEU A 100 2.69 -2.13 2.72
C LEU A 100 2.81 -1.08 3.83
N VAL A 101 2.34 -1.39 5.03
CA VAL A 101 2.36 -0.43 6.14
C VAL A 101 3.77 0.02 6.46
N GLU A 102 4.71 -0.91 6.46
CA GLU A 102 6.13 -0.61 6.67
C GLU A 102 6.65 0.45 5.68
N ALA A 103 6.14 0.45 4.44
CA ALA A 103 6.50 1.44 3.46
C ALA A 103 6.00 2.85 3.82
N LEU A 104 4.74 2.96 4.24
CA LEU A 104 4.20 4.24 4.68
C LEU A 104 4.78 4.71 5.99
N GLU A 105 5.19 3.77 6.85
CA GLU A 105 5.82 4.06 8.14
C GLU A 105 7.12 4.86 7.99
N GLU A 106 7.75 4.79 6.82
CA GLU A 106 8.96 5.52 6.51
C GLU A 106 8.69 6.99 6.21
N ASN A 107 7.69 7.28 5.36
CA ASN A 107 7.28 8.66 5.07
C ASN A 107 6.39 9.27 6.15
N GLU A 108 6.13 8.53 7.23
CA GLU A 108 5.27 8.98 8.32
C GLU A 108 3.80 9.10 7.89
N LEU A 109 3.32 8.16 7.08
CA LEU A 109 1.96 8.14 6.56
C LEU A 109 1.07 7.24 7.39
N THR A 110 0.96 7.52 8.69
CA THR A 110 0.14 6.72 9.61
C THR A 110 -1.34 6.77 9.27
N SER A 111 -1.86 7.99 9.14
CA SER A 111 -3.25 8.27 8.80
C SER A 111 -3.59 7.77 7.41
N LEU A 112 -2.63 7.87 6.47
CA LEU A 112 -2.82 7.33 5.13
C LEU A 112 -2.78 5.80 5.13
N ALA A 113 -1.89 5.18 5.92
CA ALA A 113 -1.73 3.72 5.98
C ALA A 113 -3.00 3.01 6.41
N GLU A 114 -3.57 3.45 7.53
CA GLU A 114 -4.86 2.96 7.98
C GLU A 114 -5.99 3.30 7.00
N ASP A 115 -5.97 4.50 6.42
CA ASP A 115 -6.99 4.93 5.46
C ASP A 115 -7.06 4.01 4.24
N LEU A 116 -5.95 3.35 3.90
CA LEU A 116 -5.90 2.42 2.79
C LEU A 116 -6.86 1.26 2.92
N LEU A 117 -6.97 0.74 4.14
CA LEU A 117 -7.91 -0.32 4.47
C LEU A 117 -9.35 0.19 4.59
N GLY A 118 -9.54 1.50 4.50
CA GLY A 118 -10.83 2.15 4.65
C GLY A 118 -11.16 2.48 6.11
N LEU A 119 -10.17 2.87 6.91
CA LEU A 119 -10.35 3.27 8.32
C LEU A 119 -10.70 4.76 8.47
N THR A 120 -11.03 5.42 7.36
CA THR A 120 -11.44 6.83 7.31
C THR A 120 -12.91 7.04 7.63
N ASP A 121 -13.58 6.01 8.14
CA ASP A 121 -15.00 6.02 8.48
C ASP A 121 -15.20 6.07 10.00
N PRO A 122 -16.35 6.57 10.48
CA PRO A 122 -16.72 6.63 11.88
C PRO A 122 -17.02 5.25 12.50
N ASN A 123 -16.57 4.16 11.88
CA ASN A 123 -16.86 2.79 12.29
C ASN A 123 -18.38 2.56 12.46
N GLY A 124 -19.12 2.62 11.36
CA GLY A 124 -20.59 2.46 11.37
C GLY A 124 -21.04 1.06 10.96
N GLY A 125 -20.39 0.02 11.49
CA GLY A 125 -20.69 -1.38 11.19
C GLY A 125 -19.46 -2.26 10.95
N LEU A 126 -18.31 -1.64 10.67
CA LEU A 126 -17.03 -2.33 10.48
C LEU A 126 -16.74 -3.21 11.71
N ALA A 127 -16.64 -4.52 11.49
CA ALA A 127 -16.41 -5.51 12.55
C ALA A 127 -17.47 -5.43 13.70
N ALA A 14 -9.38 -10.39 14.72
CA ALA A 14 -8.66 -11.67 14.53
C ALA A 14 -7.14 -11.49 14.72
N GLN A 15 -6.45 -11.01 13.67
CA GLN A 15 -5.00 -10.78 13.63
C GLN A 15 -4.70 -9.29 13.43
N THR A 16 -4.46 -8.59 14.53
CA THR A 16 -4.12 -7.17 14.55
C THR A 16 -2.76 -6.93 15.17
N PHE A 17 -2.09 -5.88 14.70
CA PHE A 17 -0.79 -5.48 15.20
C PHE A 17 -0.74 -3.96 15.39
N LEU A 18 0.02 -3.50 16.38
CA LEU A 18 0.24 -2.08 16.60
C LEU A 18 1.27 -1.55 15.62
N PHE A 19 0.90 -0.50 14.90
CA PHE A 19 1.77 0.18 13.94
C PHE A 19 1.60 1.68 14.08
N GLN A 20 2.69 2.40 14.31
CA GLN A 20 2.66 3.86 14.45
C GLN A 20 1.67 4.37 15.51
N GLY A 21 1.31 3.50 16.48
CA GLY A 21 0.30 3.80 17.49
C GLY A 21 -1.14 3.70 16.95
N GLN A 22 -1.34 3.06 15.79
CA GLN A 22 -2.63 2.86 15.14
C GLN A 22 -2.93 1.35 14.96
N PRO A 23 -4.17 0.92 15.24
CA PRO A 23 -4.62 -0.46 15.05
C PRO A 23 -4.76 -0.81 13.56
N VAL A 24 -4.34 -2.02 13.18
CA VAL A 24 -4.38 -2.52 11.80
C VAL A 24 -4.40 -4.04 11.76
N VAL A 25 -5.11 -4.59 10.76
CA VAL A 25 -5.26 -6.04 10.58
C VAL A 25 -4.30 -6.55 9.50
N ASN A 26 -3.61 -7.64 9.81
CA ASN A 26 -2.73 -8.32 8.87
C ASN A 26 -3.56 -9.18 7.90
N ARG A 27 -3.50 -8.84 6.61
CA ARG A 27 -4.17 -9.59 5.52
C ARG A 27 -3.78 -9.08 4.12
N PRO A 28 -4.09 -9.82 3.05
CA PRO A 28 -3.89 -9.36 1.67
C PRO A 28 -4.84 -8.22 1.32
N LEU A 29 -4.30 -7.12 0.81
CA LEU A 29 -5.07 -5.96 0.34
C LEU A 29 -5.99 -6.36 -0.81
N SER A 30 -7.15 -5.73 -0.86
CA SER A 30 -8.14 -5.98 -1.91
C SER A 30 -8.08 -4.88 -2.97
N LEU A 31 -8.92 -4.99 -4.00
CA LEU A 31 -9.04 -3.97 -5.03
C LEU A 31 -9.27 -2.59 -4.43
N LYS A 32 -10.06 -2.51 -3.37
CA LYS A 32 -10.34 -1.26 -2.64
C LYS A 32 -9.04 -0.62 -2.20
N ASP A 33 -8.13 -1.38 -1.61
CA ASP A 33 -6.88 -0.84 -1.07
C ASP A 33 -6.03 -0.26 -2.19
N GLN A 34 -6.03 -0.87 -3.36
CA GLN A 34 -5.29 -0.40 -4.54
C GLN A 34 -5.83 0.93 -5.05
N GLN A 35 -7.17 1.06 -5.08
CA GLN A 35 -7.85 2.30 -5.47
C GLN A 35 -7.70 3.38 -4.42
N THR A 36 -8.06 3.08 -3.16
CA THR A 36 -7.97 4.01 -2.05
C THR A 36 -6.52 4.46 -1.87
N PHE A 37 -5.54 3.56 -2.00
CA PHE A 37 -4.13 3.91 -1.95
C PHE A 37 -3.80 4.94 -2.98
N ALA A 38 -3.79 4.61 -4.24
CA ALA A 38 -3.44 5.54 -5.31
C ALA A 38 -4.24 6.86 -5.27
N ARG A 39 -5.45 6.80 -4.70
CA ARG A 39 -6.36 7.93 -4.53
C ARG A 39 -6.10 8.74 -3.26
N SER A 40 -5.31 8.20 -2.33
CA SER A 40 -4.97 8.80 -1.04
C SER A 40 -3.53 9.32 -1.03
N VAL A 41 -2.56 8.48 -1.38
CA VAL A 41 -1.16 8.93 -1.49
C VAL A 41 -0.96 9.96 -2.59
N GLY A 42 -1.66 9.79 -3.70
CA GLY A 42 -1.54 10.66 -4.87
C GLY A 42 -0.08 10.81 -5.33
N LEU A 43 0.60 11.87 -4.91
CA LEU A 43 2.03 12.12 -5.18
C LEU A 43 2.97 11.25 -4.34
N LYS A 44 2.53 10.86 -3.13
CA LYS A 44 3.29 9.98 -2.23
C LYS A 44 3.40 8.55 -2.72
N TRP A 45 2.67 8.24 -3.79
CA TRP A 45 2.74 6.93 -4.42
C TRP A 45 4.17 6.50 -4.73
N ARG A 46 5.03 7.47 -5.09
CA ARG A 46 6.45 7.25 -5.37
C ARG A 46 7.19 6.92 -4.10
N LYS A 47 6.91 7.66 -3.02
CA LYS A 47 7.56 7.46 -1.72
C LYS A 47 7.24 6.08 -1.16
N VAL A 48 5.96 5.71 -1.13
CA VAL A 48 5.52 4.40 -0.65
C VAL A 48 6.21 3.29 -1.42
N GLY A 49 6.27 3.42 -2.73
CA GLY A 49 6.96 2.42 -3.54
C GLY A 49 8.42 2.30 -3.08
N ARG A 50 9.12 3.42 -2.94
CA ARG A 50 10.57 3.46 -2.61
C ARG A 50 10.84 2.95 -1.20
N SER A 51 9.94 3.21 -0.28
CA SER A 51 10.04 2.74 1.09
C SER A 51 9.76 1.22 1.18
N LEU A 52 8.88 0.71 0.33
CA LEU A 52 8.57 -0.73 0.28
C LEU A 52 9.75 -1.55 -0.26
N GLN A 53 10.68 -0.91 -0.97
CA GLN A 53 11.85 -1.58 -1.53
C GLN A 53 12.64 -2.30 -0.43
N ARG A 54 12.96 -1.58 0.65
CA ARG A 54 13.67 -2.14 1.80
C ARG A 54 12.79 -3.09 2.61
N GLY A 55 11.50 -2.77 2.72
CA GLY A 55 10.56 -3.57 3.50
C GLY A 55 10.34 -4.98 2.93
N CYS A 56 10.08 -5.07 1.63
CA CYS A 56 9.90 -6.32 0.90
C CYS A 56 10.88 -6.43 -0.27
N ARG A 57 11.77 -7.43 -0.18
CA ARG A 57 12.75 -7.74 -1.25
C ARG A 57 12.09 -8.13 -2.58
N ALA A 58 10.85 -8.60 -2.51
CA ALA A 58 10.07 -8.95 -3.71
C ALA A 58 9.84 -7.73 -4.63
N LEU A 59 9.89 -6.52 -4.08
CA LEU A 59 9.70 -5.27 -4.81
C LEU A 59 10.95 -4.40 -4.77
N ARG A 60 12.08 -4.93 -4.28
CA ARG A 60 13.34 -4.18 -4.14
C ARG A 60 13.89 -3.68 -5.46
N ASP A 61 13.64 -4.46 -6.52
CA ASP A 61 14.00 -4.12 -7.89
C ASP A 61 13.43 -2.76 -8.31
N PRO A 62 13.95 -2.15 -9.38
CA PRO A 62 13.49 -0.88 -9.94
C PRO A 62 12.09 -1.01 -10.57
N ALA A 63 11.14 -1.63 -9.87
CA ALA A 63 9.77 -1.75 -10.31
C ALA A 63 9.21 -0.36 -10.57
N LEU A 64 9.33 0.57 -9.62
CA LEU A 64 8.78 1.92 -9.72
C LEU A 64 9.20 2.65 -10.99
N ASP A 65 10.42 2.39 -11.43
CA ASP A 65 11.00 2.96 -12.65
C ASP A 65 10.18 2.55 -13.88
N SER A 66 10.03 1.24 -14.09
CA SER A 66 9.20 0.73 -15.19
C SER A 66 7.72 0.98 -14.93
N LEU A 67 7.25 0.92 -13.69
CA LEU A 67 5.87 1.15 -13.29
C LEU A 67 5.45 2.57 -13.63
N ALA A 68 6.31 3.56 -13.45
CA ALA A 68 5.99 4.93 -13.81
C ALA A 68 5.68 5.05 -15.31
N TYR A 69 6.55 4.53 -16.18
CA TYR A 69 6.40 4.58 -17.63
C TYR A 69 5.31 3.63 -18.15
N GLU A 70 5.26 2.41 -17.65
CA GLU A 70 4.25 1.40 -17.98
C GLU A 70 2.83 1.85 -17.60
N TYR A 71 2.71 2.50 -16.45
CA TYR A 71 1.45 3.02 -15.91
C TYR A 71 1.33 4.54 -16.11
N GLU A 72 2.20 5.11 -16.94
CA GLU A 72 2.18 6.54 -17.29
C GLU A 72 0.97 6.91 -18.16
N ARG A 73 0.27 5.88 -18.65
CA ARG A 73 -0.92 6.04 -19.48
C ARG A 73 -2.05 6.74 -18.73
N GLU A 74 -2.35 6.24 -17.53
CA GLU A 74 -3.39 6.83 -16.68
C GLU A 74 -2.82 7.92 -15.75
N GLY A 75 -1.62 7.68 -15.20
CA GLY A 75 -0.98 8.59 -14.25
C GLY A 75 -0.75 7.92 -12.90
N LEU A 76 -0.78 8.72 -11.84
CA LEU A 76 -0.52 8.28 -10.46
C LEU A 76 -1.54 7.24 -9.99
N TYR A 77 -2.78 7.35 -10.49
CA TYR A 77 -3.86 6.42 -10.21
C TYR A 77 -3.49 4.99 -10.60
N GLU A 78 -3.36 4.73 -11.89
CA GLU A 78 -2.97 3.41 -12.39
C GLU A 78 -1.58 3.03 -11.89
N GLN A 79 -0.70 4.02 -11.68
CA GLN A 79 0.65 3.81 -11.20
C GLN A 79 0.65 3.05 -9.89
N ALA A 80 -0.02 3.62 -8.89
CA ALA A 80 -0.10 3.03 -7.58
C ALA A 80 -1.15 1.92 -7.46
N PHE A 81 -2.21 2.02 -8.26
CA PHE A 81 -3.25 1.02 -8.32
C PHE A 81 -2.67 -0.34 -8.66
N GLN A 82 -2.02 -0.46 -9.81
CA GLN A 82 -1.45 -1.72 -10.25
C GLN A 82 -0.18 -2.06 -9.46
N LEU A 83 0.61 -1.06 -9.08
CA LEU A 83 1.79 -1.26 -8.24
C LEU A 83 1.46 -2.01 -6.95
N LEU A 84 0.28 -1.77 -6.37
CA LEU A 84 -0.15 -2.46 -5.15
C LEU A 84 -0.38 -3.95 -5.38
N ARG A 85 -0.80 -4.30 -6.59
CA ARG A 85 -1.02 -5.69 -7.02
C ARG A 85 0.29 -6.41 -7.31
N ARG A 86 1.36 -5.67 -7.64
CA ARG A 86 2.69 -6.24 -7.90
C ARG A 86 3.16 -7.14 -6.76
N PHE A 87 2.98 -6.68 -5.52
CA PHE A 87 3.33 -7.45 -4.34
C PHE A 87 2.47 -8.72 -4.21
N VAL A 88 1.17 -8.57 -4.48
CA VAL A 88 0.21 -9.68 -4.44
C VAL A 88 0.49 -10.69 -5.55
N GLN A 89 0.96 -10.22 -6.70
CA GLN A 89 1.29 -11.09 -7.83
C GLN A 89 2.45 -12.02 -7.49
N ALA A 90 3.40 -11.57 -6.66
CA ALA A 90 4.53 -12.38 -6.25
C ALA A 90 4.06 -13.65 -5.50
N GLU A 91 3.25 -13.46 -4.47
CA GLU A 91 2.75 -14.55 -3.63
C GLU A 91 1.24 -14.48 -3.41
N GLY A 92 0.76 -13.31 -2.98
CA GLY A 92 -0.65 -13.02 -2.76
C GLY A 92 -1.20 -13.62 -1.47
N ARG A 93 -0.98 -14.91 -1.27
CA ARG A 93 -1.35 -15.64 -0.05
C ARG A 93 -0.47 -15.24 1.13
N ARG A 94 0.84 -15.09 0.89
CA ARG A 94 1.82 -14.68 1.91
C ARG A 94 1.86 -13.17 2.09
N ALA A 95 1.81 -12.44 0.97
CA ALA A 95 1.79 -10.99 0.96
C ALA A 95 0.69 -10.45 1.87
N THR A 96 1.07 -9.63 2.82
CA THR A 96 0.16 -9.06 3.81
C THR A 96 0.33 -7.55 3.89
N LEU A 97 -0.69 -6.89 4.45
CA LEU A 97 -0.67 -5.45 4.63
C LEU A 97 0.55 -5.04 5.41
N GLN A 98 1.01 -5.83 6.38
CA GLN A 98 2.20 -5.55 7.18
C GLN A 98 3.34 -4.90 6.38
N ARG A 99 3.66 -5.50 5.23
CA ARG A 99 4.72 -5.01 4.34
C ARG A 99 4.41 -3.65 3.76
N LEU A 100 3.21 -3.49 3.19
CA LEU A 100 2.76 -2.22 2.71
C LEU A 100 2.85 -1.17 3.82
N VAL A 101 2.36 -1.48 5.02
CA VAL A 101 2.38 -0.52 6.13
C VAL A 101 3.79 -0.05 6.47
N GLU A 102 4.74 -0.98 6.49
CA GLU A 102 6.14 -0.67 6.73
C GLU A 102 6.69 0.38 5.75
N ALA A 103 6.19 0.39 4.51
CA ALA A 103 6.56 1.39 3.51
C ALA A 103 6.06 2.79 3.89
N LEU A 104 4.81 2.90 4.32
CA LEU A 104 4.25 4.18 4.75
C LEU A 104 4.82 4.64 6.08
N GLU A 105 5.22 3.69 6.93
CA GLU A 105 5.84 3.96 8.23
C GLU A 105 7.15 4.76 8.08
N GLU A 106 7.78 4.69 6.91
CA GLU A 106 9.01 5.43 6.61
C GLU A 106 8.73 6.90 6.36
N ASN A 107 7.75 7.21 5.52
CA ASN A 107 7.36 8.60 5.25
C ASN A 107 6.44 9.18 6.32
N GLU A 108 6.18 8.43 7.38
CA GLU A 108 5.31 8.86 8.48
C GLU A 108 3.84 8.99 8.04
N LEU A 109 3.39 8.06 7.20
CA LEU A 109 2.04 8.05 6.66
C LEU A 109 1.14 7.12 7.48
N THR A 110 1.04 7.37 8.78
CA THR A 110 0.19 6.55 9.67
C THR A 110 -1.28 6.63 9.29
N SER A 111 -1.78 7.86 9.23
CA SER A 111 -3.18 8.16 8.90
C SER A 111 -3.52 7.71 7.49
N LEU A 112 -2.56 7.79 6.56
CA LEU A 112 -2.74 7.31 5.20
C LEU A 112 -2.74 5.77 5.17
N ALA A 113 -1.83 5.11 5.90
CA ALA A 113 -1.70 3.65 5.92
C ALA A 113 -2.97 2.94 6.36
N GLU A 114 -3.50 3.37 7.50
CA GLU A 114 -4.79 2.88 7.97
C GLU A 114 -5.93 3.24 7.01
N ASP A 115 -5.92 4.44 6.44
CA ASP A 115 -6.92 4.89 5.47
C ASP A 115 -6.99 3.98 4.23
N LEU A 116 -5.89 3.31 3.90
CA LEU A 116 -5.84 2.39 2.76
C LEU A 116 -6.84 1.26 2.91
N LEU A 117 -6.95 0.73 4.12
CA LEU A 117 -7.89 -0.34 4.44
C LEU A 117 -9.32 0.18 4.58
N GLY A 118 -9.51 1.48 4.43
CA GLY A 118 -10.80 2.13 4.59
C GLY A 118 -11.15 2.43 6.05
N LEU A 119 -10.16 2.81 6.88
CA LEU A 119 -10.36 3.18 8.28
C LEU A 119 -10.77 4.65 8.46
N THR A 120 -11.06 5.35 7.36
CA THR A 120 -11.53 6.74 7.33
C THR A 120 -13.03 6.88 7.55
N ASP A 121 -13.68 5.80 7.98
CA ASP A 121 -15.12 5.75 8.22
C ASP A 121 -15.43 5.77 9.73
N PRO A 122 -16.64 6.20 10.13
CA PRO A 122 -17.10 6.20 11.52
C PRO A 122 -17.39 4.79 12.07
N ASN A 123 -16.83 3.74 11.45
CA ASN A 123 -17.09 2.35 11.80
C ASN A 123 -18.60 2.05 11.87
N GLY A 124 -19.27 2.07 10.73
CA GLY A 124 -20.73 1.85 10.66
C GLY A 124 -21.13 1.07 9.41
N GLY A 125 -21.67 -0.12 9.64
CA GLY A 125 -22.12 -1.01 8.58
C GLY A 125 -21.20 -2.22 8.43
N LEU A 126 -21.65 -3.39 8.88
CA LEU A 126 -20.92 -4.65 8.76
C LEU A 126 -20.98 -5.16 7.30
N ALA A 127 -19.94 -5.88 6.89
CA ALA A 127 -19.80 -6.47 5.54
C ALA A 127 -18.57 -7.40 5.45
N ALA A 14 -11.25 -9.66 15.08
CA ALA A 14 -10.42 -8.98 14.07
C ALA A 14 -8.96 -9.01 14.52
N GLN A 15 -8.12 -9.89 13.94
CA GLN A 15 -6.70 -9.94 14.24
C GLN A 15 -5.97 -8.72 13.66
N THR A 16 -5.55 -7.81 14.53
CA THR A 16 -4.81 -6.57 14.20
C THR A 16 -3.54 -6.46 15.01
N PHE A 17 -2.57 -5.73 14.47
CA PHE A 17 -1.30 -5.45 15.11
C PHE A 17 -1.15 -3.94 15.32
N LEU A 18 -0.34 -3.56 16.31
CA LEU A 18 -0.01 -2.17 16.58
C LEU A 18 1.08 -1.68 15.62
N PHE A 19 0.78 -0.59 14.93
CA PHE A 19 1.71 0.05 14.00
C PHE A 19 1.59 1.57 14.11
N GLN A 20 2.72 2.24 14.33
CA GLN A 20 2.74 3.71 14.43
C GLN A 20 1.78 4.25 15.51
N GLY A 21 1.42 3.42 16.49
CA GLY A 21 0.42 3.77 17.50
C GLY A 21 -1.03 3.70 16.99
N GLN A 22 -1.26 3.10 15.83
CA GLN A 22 -2.57 2.93 15.19
C GLN A 22 -2.89 1.44 14.96
N PRO A 23 -4.12 1.00 15.25
CA PRO A 23 -4.58 -0.38 15.01
C PRO A 23 -4.75 -0.65 13.51
N VAL A 24 -4.37 -1.86 13.07
CA VAL A 24 -4.46 -2.30 11.66
C VAL A 24 -4.63 -3.82 11.55
N VAL A 25 -5.69 -4.25 10.86
CA VAL A 25 -5.96 -5.69 10.65
C VAL A 25 -4.93 -6.30 9.71
N ASN A 26 -4.48 -7.52 10.02
CA ASN A 26 -3.54 -8.26 9.19
C ASN A 26 -4.30 -9.13 8.17
N ARG A 27 -4.14 -8.82 6.89
CA ARG A 27 -4.77 -9.56 5.78
C ARG A 27 -4.25 -9.11 4.41
N PRO A 28 -4.53 -9.87 3.33
CA PRO A 28 -4.22 -9.48 1.96
C PRO A 28 -5.10 -8.31 1.50
N LEU A 29 -4.46 -7.27 1.00
CA LEU A 29 -5.14 -6.09 0.44
C LEU A 29 -5.99 -6.49 -0.75
N SER A 30 -7.17 -5.91 -0.85
CA SER A 30 -8.12 -6.13 -1.94
C SER A 30 -8.06 -5.01 -2.95
N LEU A 31 -8.86 -5.12 -4.01
CA LEU A 31 -8.96 -4.10 -5.04
C LEU A 31 -9.20 -2.71 -4.43
N LYS A 32 -10.02 -2.65 -3.38
CA LYS A 32 -10.31 -1.42 -2.63
C LYS A 32 -9.02 -0.77 -2.19
N ASP A 33 -8.09 -1.53 -1.64
CA ASP A 33 -6.85 -0.98 -1.12
C ASP A 33 -6.03 -0.36 -2.24
N GLN A 34 -6.03 -0.95 -3.42
CA GLN A 34 -5.34 -0.43 -4.59
C GLN A 34 -5.91 0.88 -5.08
N GLN A 35 -7.25 0.98 -5.08
CA GLN A 35 -7.96 2.20 -5.45
C GLN A 35 -7.80 3.28 -4.39
N THR A 36 -8.11 2.97 -3.14
CA THR A 36 -8.00 3.91 -2.03
C THR A 36 -6.55 4.36 -1.87
N PHE A 37 -5.57 3.47 -2.02
CA PHE A 37 -4.16 3.81 -1.97
C PHE A 37 -3.83 4.84 -3.01
N ALA A 38 -3.83 4.52 -4.26
CA ALA A 38 -3.49 5.45 -5.33
C ALA A 38 -4.30 6.76 -5.28
N ARG A 39 -5.50 6.71 -4.68
CA ARG A 39 -6.40 7.85 -4.50
C ARG A 39 -6.13 8.64 -3.22
N SER A 40 -5.33 8.09 -2.30
CA SER A 40 -4.98 8.68 -1.01
C SER A 40 -3.54 9.21 -1.02
N VAL A 41 -2.56 8.36 -1.38
CA VAL A 41 -1.17 8.81 -1.50
C VAL A 41 -0.98 9.85 -2.59
N GLY A 42 -1.69 9.70 -3.71
CA GLY A 42 -1.59 10.58 -4.86
C GLY A 42 -0.13 10.75 -5.34
N LEU A 43 0.55 11.81 -4.91
CA LEU A 43 1.98 12.06 -5.19
C LEU A 43 2.92 11.17 -4.37
N LYS A 44 2.49 10.77 -3.18
CA LYS A 44 3.26 9.87 -2.28
C LYS A 44 3.37 8.45 -2.81
N TRP A 45 2.64 8.16 -3.86
CA TRP A 45 2.69 6.87 -4.52
C TRP A 45 4.12 6.43 -4.86
N ARG A 46 4.96 7.42 -5.21
CA ARG A 46 6.38 7.21 -5.52
C ARG A 46 7.16 6.85 -4.26
N LYS A 47 6.90 7.57 -3.18
CA LYS A 47 7.55 7.34 -1.90
C LYS A 47 7.24 5.96 -1.35
N VAL A 48 5.98 5.56 -1.37
CA VAL A 48 5.57 4.23 -0.89
C VAL A 48 6.29 3.13 -1.61
N GLY A 49 6.40 3.24 -2.94
CA GLY A 49 7.09 2.23 -3.71
C GLY A 49 8.57 2.12 -3.31
N ARG A 50 9.24 3.27 -3.09
CA ARG A 50 10.66 3.31 -2.71
C ARG A 50 10.89 2.83 -1.28
N SER A 51 10.02 3.24 -0.36
CA SER A 51 10.06 2.80 1.02
C SER A 51 9.80 1.29 1.14
N LEU A 52 8.95 0.75 0.27
CA LEU A 52 8.66 -0.68 0.25
C LEU A 52 9.89 -1.52 -0.10
N GLN A 53 10.87 -0.93 -0.80
CA GLN A 53 12.12 -1.61 -1.17
C GLN A 53 12.87 -2.14 0.05
N ARG A 54 13.00 -1.30 1.08
CA ARG A 54 13.64 -1.68 2.35
C ARG A 54 12.85 -2.76 3.09
N GLY A 55 11.52 -2.64 3.07
CA GLY A 55 10.64 -3.59 3.75
C GLY A 55 10.65 -4.99 3.11
N CYS A 56 10.38 -5.05 1.81
CA CYS A 56 10.40 -6.30 1.03
C CYS A 56 11.34 -6.17 -0.16
N ARG A 57 12.35 -7.06 -0.19
CA ARG A 57 13.33 -7.15 -1.28
C ARG A 57 12.71 -7.52 -2.61
N ALA A 58 11.53 -8.15 -2.57
CA ALA A 58 10.76 -8.53 -3.76
C ALA A 58 10.29 -7.29 -4.56
N LEU A 59 10.28 -6.12 -3.93
CA LEU A 59 9.87 -4.86 -4.56
C LEU A 59 11.01 -3.84 -4.60
N ARG A 60 12.23 -4.28 -4.31
CA ARG A 60 13.44 -3.43 -4.33
C ARG A 60 13.94 -3.15 -5.74
N ASP A 61 13.58 -4.03 -6.66
CA ASP A 61 13.99 -3.92 -8.05
C ASP A 61 13.57 -2.55 -8.64
N PRO A 62 14.14 -2.12 -9.78
CA PRO A 62 13.75 -0.89 -10.48
C PRO A 62 12.35 -0.99 -11.10
N ALA A 63 11.43 -1.74 -10.49
CA ALA A 63 10.06 -1.86 -10.95
C ALA A 63 9.40 -0.48 -11.02
N LEU A 64 9.54 0.38 -10.00
CA LEU A 64 8.97 1.74 -9.98
C LEU A 64 9.30 2.53 -11.25
N ASP A 65 10.49 2.34 -11.79
CA ASP A 65 10.97 3.00 -13.00
C ASP A 65 10.06 2.67 -14.19
N SER A 66 9.91 1.37 -14.48
CA SER A 66 9.01 0.90 -15.54
C SER A 66 7.55 1.09 -15.14
N LEU A 67 7.19 0.98 -13.86
CA LEU A 67 5.84 1.19 -13.37
C LEU A 67 5.35 2.59 -13.70
N ALA A 68 6.18 3.61 -13.51
CA ALA A 68 5.80 4.97 -13.82
C ALA A 68 5.54 5.16 -15.32
N TYR A 69 6.44 4.66 -16.18
CA TYR A 69 6.33 4.78 -17.63
C TYR A 69 5.22 3.91 -18.24
N GLU A 70 5.12 2.65 -17.79
CA GLU A 70 4.09 1.70 -18.19
C GLU A 70 2.69 2.17 -17.77
N TYR A 71 2.58 2.76 -16.58
CA TYR A 71 1.34 3.29 -16.02
C TYR A 71 1.24 4.81 -16.19
N GLU A 72 2.11 5.38 -17.02
CA GLU A 72 2.12 6.82 -17.32
C GLU A 72 0.91 7.24 -18.17
N ARG A 73 0.17 6.23 -18.68
CA ARG A 73 -1.01 6.44 -19.50
C ARG A 73 -2.13 7.09 -18.70
N GLU A 74 -2.45 6.52 -17.53
CA GLU A 74 -3.49 7.08 -16.65
C GLU A 74 -2.92 8.14 -15.70
N GLY A 75 -1.71 7.92 -15.18
CA GLY A 75 -1.08 8.79 -14.21
C GLY A 75 -0.83 8.09 -12.87
N LEU A 76 -0.85 8.87 -11.79
CA LEU A 76 -0.57 8.39 -10.43
C LEU A 76 -1.59 7.34 -9.97
N TYR A 77 -2.83 7.46 -10.47
CA TYR A 77 -3.89 6.51 -10.19
C TYR A 77 -3.51 5.10 -10.63
N GLU A 78 -3.40 4.86 -11.93
CA GLU A 78 -3.02 3.54 -12.45
C GLU A 78 -1.62 3.15 -11.97
N GLN A 79 -0.75 4.14 -11.75
CA GLN A 79 0.62 3.93 -11.29
C GLN A 79 0.63 3.14 -10.00
N ALA A 80 -0.05 3.66 -8.99
CA ALA A 80 -0.12 3.02 -7.70
C ALA A 80 -1.18 1.93 -7.59
N PHE A 81 -2.23 2.04 -8.41
CA PHE A 81 -3.28 1.05 -8.47
C PHE A 81 -2.71 -0.33 -8.77
N GLN A 82 -2.03 -0.45 -9.91
CA GLN A 82 -1.43 -1.72 -10.30
C GLN A 82 -0.18 -2.04 -9.46
N LEU A 83 0.52 -1.01 -8.94
CA LEU A 83 1.68 -1.20 -8.06
C LEU A 83 1.33 -2.05 -6.85
N LEU A 84 0.11 -1.95 -6.34
CA LEU A 84 -0.32 -2.75 -5.20
C LEU A 84 -0.39 -4.25 -5.53
N ARG A 85 -0.62 -4.58 -6.80
CA ARG A 85 -0.68 -5.96 -7.29
C ARG A 85 0.71 -6.55 -7.43
N ARG A 86 1.74 -5.71 -7.60
CA ARG A 86 3.14 -6.16 -7.72
C ARG A 86 3.55 -7.04 -6.55
N PHE A 87 3.19 -6.63 -5.33
CA PHE A 87 3.47 -7.41 -4.13
C PHE A 87 2.67 -8.70 -4.10
N VAL A 88 1.41 -8.65 -4.55
CA VAL A 88 0.52 -9.81 -4.62
C VAL A 88 0.99 -10.82 -5.67
N GLN A 89 1.56 -10.35 -6.79
CA GLN A 89 2.10 -11.21 -7.83
C GLN A 89 3.21 -12.11 -7.29
N ALA A 90 4.02 -11.60 -6.35
CA ALA A 90 5.13 -12.36 -5.76
C ALA A 90 4.61 -13.62 -5.03
N GLU A 91 3.65 -13.43 -4.13
CA GLU A 91 3.06 -14.52 -3.35
C GLU A 91 1.53 -14.49 -3.31
N GLY A 92 1.00 -13.32 -2.96
CA GLY A 92 -0.44 -13.05 -2.91
C GLY A 92 -1.15 -13.65 -1.71
N ARG A 93 -0.95 -14.96 -1.50
CA ARG A 93 -1.45 -15.69 -0.33
C ARG A 93 -0.74 -15.28 0.95
N ARG A 94 0.59 -15.11 0.86
CA ARG A 94 1.43 -14.69 1.99
C ARG A 94 1.53 -13.17 2.11
N ALA A 95 1.41 -12.47 0.98
CA ALA A 95 1.44 -11.02 0.91
C ALA A 95 0.42 -10.42 1.89
N THR A 96 0.91 -9.92 3.02
CA THR A 96 0.10 -9.33 4.07
C THR A 96 0.27 -7.83 4.09
N LEU A 97 -0.74 -7.12 4.62
CA LEU A 97 -0.67 -5.67 4.75
C LEU A 97 0.57 -5.25 5.48
N GLN A 98 1.10 -6.04 6.41
CA GLN A 98 2.31 -5.75 7.18
C GLN A 98 3.41 -5.10 6.33
N ARG A 99 3.71 -5.69 5.16
CA ARG A 99 4.72 -5.18 4.21
C ARG A 99 4.39 -3.80 3.68
N LEU A 100 3.17 -3.65 3.18
CA LEU A 100 2.69 -2.35 2.74
C LEU A 100 2.84 -1.34 3.86
N VAL A 101 2.39 -1.67 5.07
CA VAL A 101 2.44 -0.73 6.19
C VAL A 101 3.86 -0.28 6.49
N GLU A 102 4.80 -1.21 6.48
CA GLU A 102 6.21 -0.91 6.67
C GLU A 102 6.73 0.13 5.66
N ALA A 103 6.22 0.12 4.43
CA ALA A 103 6.58 1.12 3.42
C ALA A 103 6.06 2.52 3.80
N LEU A 104 4.81 2.62 4.23
CA LEU A 104 4.27 3.90 4.65
C LEU A 104 4.84 4.39 5.98
N GLU A 105 5.21 3.46 6.84
CA GLU A 105 5.82 3.74 8.14
C GLU A 105 7.16 4.50 8.00
N GLU A 106 7.79 4.40 6.83
CA GLU A 106 9.04 5.11 6.53
C GLU A 106 8.79 6.59 6.26
N ASN A 107 7.80 6.91 5.43
CA ASN A 107 7.44 8.31 5.13
C ASN A 107 6.56 8.92 6.22
N GLU A 108 6.27 8.17 7.29
CA GLU A 108 5.44 8.65 8.40
C GLU A 108 3.97 8.80 7.99
N LEU A 109 3.49 7.89 7.14
CA LEU A 109 2.13 7.89 6.61
C LEU A 109 1.23 6.98 7.44
N THR A 110 1.14 7.22 8.74
CA THR A 110 0.29 6.42 9.64
C THR A 110 -1.18 6.50 9.26
N SER A 111 -1.69 7.73 9.19
CA SER A 111 -3.08 8.04 8.86
C SER A 111 -3.44 7.57 7.46
N LEU A 112 -2.48 7.67 6.53
CA LEU A 112 -2.67 7.17 5.17
C LEU A 112 -2.65 5.63 5.15
N ALA A 113 -1.75 4.98 5.88
CA ALA A 113 -1.62 3.51 5.91
C ALA A 113 -2.88 2.81 6.36
N GLU A 114 -3.41 3.23 7.50
CA GLU A 114 -4.70 2.75 7.96
C GLU A 114 -5.84 3.11 6.99
N ASP A 115 -5.83 4.31 6.42
CA ASP A 115 -6.84 4.75 5.47
C ASP A 115 -6.93 3.84 4.24
N LEU A 116 -5.82 3.18 3.89
CA LEU A 116 -5.77 2.27 2.76
C LEU A 116 -6.76 1.12 2.90
N LEU A 117 -6.87 0.59 4.12
CA LEU A 117 -7.81 -0.48 4.44
C LEU A 117 -9.24 0.05 4.59
N GLY A 118 -9.42 1.36 4.44
CA GLY A 118 -10.71 2.01 4.61
C GLY A 118 -11.03 2.29 6.08
N LEU A 119 -10.05 2.73 6.89
CA LEU A 119 -10.25 3.12 8.28
C LEU A 119 -10.66 4.59 8.45
N THR A 120 -10.98 5.26 7.33
CA THR A 120 -11.41 6.66 7.28
C THR A 120 -12.91 6.86 7.55
N ASP A 121 -13.56 5.80 8.02
CA ASP A 121 -14.98 5.77 8.34
C ASP A 121 -15.22 5.77 9.86
N PRO A 122 -16.40 6.25 10.30
CA PRO A 122 -16.79 6.26 11.72
C PRO A 122 -17.06 4.86 12.31
N ASN A 123 -16.66 3.79 11.58
CA ASN A 123 -16.92 2.41 11.94
C ASN A 123 -16.06 1.46 11.09
N GLY A 124 -14.79 1.27 11.45
CA GLY A 124 -13.90 0.34 10.74
C GLY A 124 -14.25 -1.11 11.05
N GLY A 125 -13.96 -2.00 10.10
CA GLY A 125 -14.25 -3.43 10.25
C GLY A 125 -13.57 -4.24 9.15
N LEU A 126 -14.39 -4.85 8.29
CA LEU A 126 -13.94 -5.67 7.16
C LEU A 126 -15.06 -5.85 6.13
N ALA A 127 -14.69 -6.28 4.91
CA ALA A 127 -15.60 -6.58 3.81
C ALA A 127 -14.88 -7.41 2.71
N ALA A 14 -9.56 -10.30 14.40
CA ALA A 14 -8.85 -11.59 14.34
C ALA A 14 -7.34 -11.39 14.58
N GLN A 15 -6.60 -10.98 13.53
CA GLN A 15 -5.15 -10.78 13.54
C GLN A 15 -4.83 -9.30 13.34
N THR A 16 -4.56 -8.61 14.45
CA THR A 16 -4.22 -7.19 14.48
C THR A 16 -2.85 -6.98 15.10
N PHE A 17 -2.17 -5.93 14.64
CA PHE A 17 -0.87 -5.55 15.14
C PHE A 17 -0.80 -4.03 15.34
N LEU A 18 -0.03 -3.58 16.33
CA LEU A 18 0.21 -2.16 16.54
C LEU A 18 1.26 -1.65 15.56
N PHE A 19 0.89 -0.57 14.86
CA PHE A 19 1.77 0.10 13.91
C PHE A 19 1.60 1.61 14.04
N GLN A 20 2.71 2.33 14.26
CA GLN A 20 2.70 3.78 14.41
C GLN A 20 1.70 4.30 15.48
N GLY A 21 1.35 3.44 16.44
CA GLY A 21 0.33 3.74 17.46
C GLY A 21 -1.11 3.65 16.93
N GLN A 22 -1.32 3.02 15.77
CA GLN A 22 -2.63 2.83 15.12
C GLN A 22 -2.91 1.32 14.95
N PRO A 23 -4.16 0.89 15.24
CA PRO A 23 -4.63 -0.48 15.03
C PRO A 23 -4.80 -0.81 13.54
N VAL A 24 -4.38 -2.03 13.15
CA VAL A 24 -4.43 -2.52 11.76
C VAL A 24 -4.49 -4.04 11.71
N VAL A 25 -5.19 -4.58 10.72
CA VAL A 25 -5.37 -6.02 10.52
C VAL A 25 -4.41 -6.54 9.45
N ASN A 26 -3.74 -7.65 9.75
CA ASN A 26 -2.87 -8.32 8.80
C ASN A 26 -3.71 -9.18 7.85
N ARG A 27 -3.66 -8.84 6.54
CA ARG A 27 -4.34 -9.58 5.46
C ARG A 27 -3.95 -9.07 4.06
N PRO A 28 -4.26 -9.82 2.98
CA PRO A 28 -4.08 -9.36 1.59
C PRO A 28 -5.04 -8.22 1.25
N LEU A 29 -4.47 -7.11 0.77
CA LEU A 29 -5.23 -5.93 0.33
C LEU A 29 -6.11 -6.30 -0.86
N SER A 30 -7.31 -5.73 -0.87
CA SER A 30 -8.29 -5.98 -1.91
C SER A 30 -8.25 -4.86 -2.95
N LEU A 31 -9.07 -4.96 -3.98
CA LEU A 31 -9.18 -3.91 -4.99
C LEU A 31 -9.44 -2.53 -4.39
N LYS A 32 -10.28 -2.49 -3.35
CA LYS A 32 -10.57 -1.26 -2.59
C LYS A 32 -9.28 -0.59 -2.15
N ASP A 33 -8.32 -1.35 -1.61
CA ASP A 33 -7.09 -0.79 -1.08
C ASP A 33 -6.28 -0.18 -2.21
N GLN A 34 -6.26 -0.78 -3.38
CA GLN A 34 -5.55 -0.26 -4.56
C GLN A 34 -6.15 1.05 -5.05
N GLN A 35 -7.49 1.13 -5.03
CA GLN A 35 -8.23 2.33 -5.42
C GLN A 35 -8.05 3.43 -4.38
N THR A 36 -8.32 3.14 -3.11
CA THR A 36 -8.21 4.11 -2.02
C THR A 36 -6.76 4.54 -1.86
N PHE A 37 -5.79 3.64 -1.99
CA PHE A 37 -4.37 3.96 -1.95
C PHE A 37 -4.00 4.95 -3.00
N ALA A 38 -4.03 4.60 -4.26
CA ALA A 38 -3.65 5.51 -5.32
C ALA A 38 -4.44 6.84 -5.32
N ARG A 39 -5.65 6.82 -4.74
CA ARG A 39 -6.53 7.99 -4.56
C ARG A 39 -6.25 8.78 -3.28
N SER A 40 -5.46 8.24 -2.35
CA SER A 40 -5.10 8.82 -1.05
C SER A 40 -3.67 9.32 -1.06
N VAL A 41 -2.71 8.47 -1.42
CA VAL A 41 -1.30 8.89 -1.52
C VAL A 41 -1.10 9.92 -2.62
N GLY A 42 -1.79 9.76 -3.75
CA GLY A 42 -1.66 10.63 -4.92
C GLY A 42 -0.19 10.78 -5.36
N LEU A 43 0.49 11.85 -4.94
CA LEU A 43 1.93 12.09 -5.20
C LEU A 43 2.85 11.20 -4.35
N LYS A 44 2.41 10.83 -3.15
CA LYS A 44 3.15 9.95 -2.23
C LYS A 44 3.26 8.52 -2.73
N TRP A 45 2.54 8.20 -3.80
CA TRP A 45 2.60 6.89 -4.42
C TRP A 45 4.04 6.45 -4.73
N ARG A 46 4.87 7.42 -5.11
CA ARG A 46 6.30 7.21 -5.39
C ARG A 46 7.05 6.88 -4.11
N LYS A 47 6.76 7.62 -3.04
CA LYS A 47 7.42 7.43 -1.73
C LYS A 47 7.11 6.06 -1.16
N VAL A 48 5.84 5.67 -1.15
CA VAL A 48 5.43 4.35 -0.66
C VAL A 48 6.12 3.25 -1.42
N GLY A 49 6.16 3.37 -2.74
CA GLY A 49 6.84 2.37 -3.54
C GLY A 49 8.32 2.29 -3.14
N ARG A 50 8.99 3.43 -3.01
CA ARG A 50 10.45 3.52 -2.74
C ARG A 50 10.80 3.03 -1.34
N SER A 51 9.91 3.26 -0.38
CA SER A 51 10.05 2.78 0.99
C SER A 51 9.85 1.27 1.07
N LEU A 52 8.94 0.72 0.25
CA LEU A 52 8.70 -0.72 0.20
C LEU A 52 9.88 -1.50 -0.39
N GLN A 53 10.78 -0.81 -1.10
CA GLN A 53 11.96 -1.43 -1.71
C GLN A 53 12.85 -2.10 -0.65
N ARG A 54 13.13 -1.38 0.44
CA ARG A 54 13.94 -1.91 1.56
C ARG A 54 13.11 -2.87 2.40
N GLY A 55 11.86 -2.49 2.72
CA GLY A 55 10.98 -3.30 3.57
C GLY A 55 10.71 -4.69 2.99
N CYS A 56 10.52 -4.78 1.67
CA CYS A 56 10.25 -6.01 0.94
C CYS A 56 11.31 -6.22 -0.15
N ARG A 57 12.21 -7.19 0.07
CA ARG A 57 13.24 -7.59 -0.92
C ARG A 57 12.64 -8.06 -2.25
N ALA A 58 11.38 -8.49 -2.24
CA ALA A 58 10.65 -8.92 -3.43
C ALA A 58 10.37 -7.75 -4.40
N LEU A 59 10.30 -6.53 -3.86
CA LEU A 59 9.94 -5.32 -4.60
C LEU A 59 11.08 -4.32 -4.59
N ARG A 60 12.26 -4.71 -4.10
CA ARG A 60 13.45 -3.86 -4.01
C ARG A 60 13.99 -3.46 -5.37
N ASP A 61 13.77 -4.34 -6.34
CA ASP A 61 14.23 -4.17 -7.71
C ASP A 61 13.72 -2.84 -8.28
N PRO A 62 14.33 -2.35 -9.38
CA PRO A 62 13.92 -1.12 -10.06
C PRO A 62 12.53 -1.24 -10.73
N ALA A 63 11.62 -2.04 -10.18
CA ALA A 63 10.26 -2.20 -10.66
C ALA A 63 9.55 -0.86 -10.75
N LEU A 64 9.73 0.04 -9.77
CA LEU A 64 9.14 1.38 -9.78
C LEU A 64 9.42 2.17 -11.06
N ASP A 65 10.61 1.99 -11.63
CA ASP A 65 11.02 2.64 -12.87
C ASP A 65 10.07 2.25 -14.02
N SER A 66 9.97 0.93 -14.26
CA SER A 66 9.07 0.40 -15.28
C SER A 66 7.61 0.58 -14.87
N LEU A 67 7.27 0.55 -13.59
CA LEU A 67 5.91 0.74 -13.10
C LEU A 67 5.41 2.13 -13.46
N ALA A 68 6.20 3.17 -13.20
CA ALA A 68 5.80 4.53 -13.53
C ALA A 68 5.68 4.70 -15.04
N TYR A 69 6.61 4.17 -15.83
CA TYR A 69 6.59 4.28 -17.29
C TYR A 69 5.45 3.47 -17.94
N GLU A 70 5.18 2.27 -17.41
CA GLU A 70 4.10 1.38 -17.88
C GLU A 70 2.72 1.93 -17.51
N TYR A 71 2.61 2.49 -16.30
CA TYR A 71 1.37 3.08 -15.77
C TYR A 71 1.33 4.59 -15.98
N GLU A 72 2.25 5.12 -16.79
CA GLU A 72 2.32 6.55 -17.12
C GLU A 72 1.15 6.98 -18.02
N ARG A 73 0.39 6.00 -18.53
CA ARG A 73 -0.77 6.22 -19.39
C ARG A 73 -1.89 6.93 -18.63
N GLU A 74 -2.25 6.40 -17.46
CA GLU A 74 -3.31 6.99 -16.62
C GLU A 74 -2.75 8.07 -15.68
N GLY A 75 -1.55 7.82 -15.12
CA GLY A 75 -0.91 8.72 -14.16
C GLY A 75 -0.73 8.05 -12.81
N LEU A 76 -0.77 8.85 -11.75
CA LEU A 76 -0.53 8.40 -10.36
C LEU A 76 -1.57 7.38 -9.90
N TYR A 77 -2.80 7.50 -10.43
CA TYR A 77 -3.90 6.59 -10.18
C TYR A 77 -3.52 5.16 -10.57
N GLU A 78 -3.38 4.89 -11.86
CA GLU A 78 -2.99 3.55 -12.34
C GLU A 78 -1.62 3.16 -11.82
N GLN A 79 -0.73 4.14 -11.60
CA GLN A 79 0.61 3.92 -11.09
C GLN A 79 0.57 3.15 -9.79
N ALA A 80 -0.11 3.69 -8.81
CA ALA A 80 -0.25 3.06 -7.51
C ALA A 80 -1.33 1.98 -7.45
N PHE A 81 -2.35 2.11 -8.27
CA PHE A 81 -3.43 1.14 -8.35
C PHE A 81 -2.86 -0.22 -8.72
N GLN A 82 -2.21 -0.33 -9.87
CA GLN A 82 -1.64 -1.61 -10.29
C GLN A 82 -0.39 -1.97 -9.46
N LEU A 83 0.33 -0.99 -8.94
CA LEU A 83 1.49 -1.22 -8.05
C LEU A 83 1.14 -2.13 -6.87
N LEU A 84 -0.08 -2.06 -6.38
CA LEU A 84 -0.52 -2.92 -5.28
C LEU A 84 -0.51 -4.39 -5.66
N ARG A 85 -0.82 -4.69 -6.93
CA ARG A 85 -0.87 -6.07 -7.46
C ARG A 85 0.54 -6.61 -7.64
N ARG A 86 1.53 -5.73 -7.84
CA ARG A 86 2.94 -6.13 -7.99
C ARG A 86 3.39 -6.99 -6.81
N PHE A 87 3.07 -6.57 -5.58
CA PHE A 87 3.39 -7.36 -4.38
C PHE A 87 2.60 -8.68 -4.32
N VAL A 88 1.34 -8.65 -4.76
CA VAL A 88 0.47 -9.82 -4.80
C VAL A 88 0.93 -10.83 -5.85
N GLN A 89 1.50 -10.36 -6.96
CA GLN A 89 2.03 -11.21 -8.02
C GLN A 89 3.18 -12.09 -7.49
N ALA A 90 3.99 -11.56 -6.56
CA ALA A 90 5.12 -12.30 -5.99
C ALA A 90 4.64 -13.54 -5.23
N GLU A 91 3.69 -13.34 -4.31
CA GLU A 91 3.14 -14.42 -3.47
C GLU A 91 1.61 -14.39 -3.40
N GLY A 92 1.07 -13.21 -3.06
CA GLY A 92 -0.37 -12.95 -3.00
C GLY A 92 -1.04 -13.53 -1.76
N ARG A 93 -0.85 -14.83 -1.52
CA ARG A 93 -1.32 -15.53 -0.31
C ARG A 93 -0.57 -15.05 0.94
N ARG A 94 0.74 -14.87 0.81
CA ARG A 94 1.61 -14.41 1.92
C ARG A 94 1.68 -12.89 1.99
N ALA A 95 1.58 -12.22 0.84
CA ALA A 95 1.57 -10.77 0.73
C ALA A 95 0.46 -10.16 1.59
N THR A 96 0.85 -9.68 2.77
CA THR A 96 -0.05 -9.07 3.74
C THR A 96 0.14 -7.58 3.82
N LEU A 97 -0.84 -6.91 4.42
CA LEU A 97 -0.80 -5.47 4.60
C LEU A 97 0.46 -5.07 5.35
N GLN A 98 0.96 -5.87 6.27
CA GLN A 98 2.15 -5.60 7.07
C GLN A 98 3.29 -4.98 6.25
N ARG A 99 3.60 -5.59 5.09
CA ARG A 99 4.61 -5.09 4.15
C ARG A 99 4.29 -3.71 3.65
N LEU A 100 3.10 -3.53 3.08
CA LEU A 100 2.65 -2.22 2.64
C LEU A 100 2.78 -1.19 3.77
N VAL A 101 2.32 -1.52 4.97
CA VAL A 101 2.35 -0.59 6.10
C VAL A 101 3.78 -0.17 6.40
N GLU A 102 4.72 -1.11 6.40
CA GLU A 102 6.15 -0.83 6.62
C GLU A 102 6.67 0.23 5.64
N ALA A 103 6.17 0.26 4.40
CA ALA A 103 6.55 1.29 3.44
C ALA A 103 6.03 2.67 3.81
N LEU A 104 4.77 2.78 4.22
CA LEU A 104 4.22 4.06 4.69
C LEU A 104 4.81 4.52 6.01
N GLU A 105 5.20 3.57 6.86
CA GLU A 105 5.83 3.83 8.15
C GLU A 105 7.15 4.60 8.01
N GLU A 106 7.77 4.55 6.83
CA GLU A 106 9.01 5.28 6.53
C GLU A 106 8.74 6.78 6.33
N ASN A 107 7.76 7.12 5.49
CA ASN A 107 7.39 8.52 5.25
C ASN A 107 6.47 9.09 6.35
N GLU A 108 6.20 8.30 7.38
CA GLU A 108 5.33 8.72 8.49
C GLU A 108 3.87 8.89 8.02
N LEU A 109 3.40 7.95 7.18
CA LEU A 109 2.04 7.99 6.66
C LEU A 109 1.12 7.08 7.48
N THR A 110 1.03 7.30 8.79
CA THR A 110 0.15 6.48 9.66
C THR A 110 -1.31 6.62 9.28
N SER A 111 -1.78 7.86 9.23
CA SER A 111 -3.18 8.20 8.92
C SER A 111 -3.53 7.76 7.51
N LEU A 112 -2.59 7.85 6.58
CA LEU A 112 -2.79 7.37 5.21
C LEU A 112 -2.80 5.83 5.19
N ALA A 113 -1.89 5.15 5.88
CA ALA A 113 -1.76 3.68 5.89
C ALA A 113 -3.02 2.99 6.36
N GLU A 114 -3.55 3.42 7.50
CA GLU A 114 -4.85 2.95 7.99
C GLU A 114 -5.98 3.32 7.01
N ASP A 115 -5.98 4.53 6.46
CA ASP A 115 -7.01 4.99 5.52
C ASP A 115 -7.11 4.07 4.29
N LEU A 116 -6.01 3.41 3.93
CA LEU A 116 -5.98 2.48 2.80
C LEU A 116 -6.96 1.32 2.95
N LEU A 117 -7.03 0.78 4.17
CA LEU A 117 -7.99 -0.27 4.49
C LEU A 117 -9.41 0.25 4.66
N GLY A 118 -9.58 1.57 4.56
CA GLY A 118 -10.86 2.23 4.74
C GLY A 118 -11.16 2.52 6.21
N LEU A 119 -10.16 2.94 7.00
CA LEU A 119 -10.33 3.36 8.42
C LEU A 119 -10.75 4.84 8.57
N THR A 120 -11.07 5.52 7.46
CA THR A 120 -11.53 6.92 7.44
C THR A 120 -13.03 7.06 7.75
N ASP A 121 -13.66 5.97 8.19
CA ASP A 121 -15.08 5.93 8.50
C ASP A 121 -15.31 5.95 10.03
N PRO A 122 -16.48 6.44 10.48
CA PRO A 122 -16.87 6.47 11.90
C PRO A 122 -17.17 5.08 12.48
N ASN A 123 -16.65 4.00 11.86
CA ASN A 123 -16.89 2.60 12.25
C ASN A 123 -18.37 2.30 12.56
N GLY A 124 -19.29 2.98 11.86
CA GLY A 124 -20.72 2.95 12.13
C GLY A 124 -21.32 1.58 11.77
N GLY A 125 -21.33 0.68 12.76
CA GLY A 125 -21.79 -0.71 12.58
C GLY A 125 -20.95 -1.70 13.39
N LEU A 126 -21.44 -2.07 14.58
CA LEU A 126 -20.83 -3.10 15.44
C LEU A 126 -21.33 -4.51 15.05
N ALA A 127 -20.41 -5.49 15.08
CA ALA A 127 -20.67 -6.91 14.79
C ALA A 127 -19.45 -7.80 15.14
N ALA A 14 -9.65 -11.80 15.36
CA ALA A 14 -9.15 -10.86 14.33
C ALA A 14 -7.68 -10.54 14.60
N GLN A 15 -6.77 -11.15 13.83
CA GLN A 15 -5.33 -10.89 13.94
C GLN A 15 -4.97 -9.42 13.65
N THR A 16 -4.66 -8.67 14.69
CA THR A 16 -4.31 -7.26 14.62
C THR A 16 -2.96 -6.99 15.25
N PHE A 17 -2.27 -6.00 14.72
CA PHE A 17 -0.97 -5.59 15.21
C PHE A 17 -0.93 -4.08 15.40
N LEU A 18 -0.19 -3.61 16.40
CA LEU A 18 0.01 -2.19 16.62
C LEU A 18 1.06 -1.64 15.66
N PHE A 19 0.72 -0.53 14.99
CA PHE A 19 1.60 0.16 14.07
C PHE A 19 1.40 1.66 14.20
N GLN A 20 2.50 2.39 14.46
CA GLN A 20 2.45 3.85 14.60
C GLN A 20 1.43 4.33 15.65
N GLY A 21 1.09 3.47 16.61
CA GLY A 21 0.05 3.74 17.60
C GLY A 21 -1.38 3.64 17.05
N GLN A 22 -1.55 3.00 15.88
CA GLN A 22 -2.83 2.81 15.21
C GLN A 22 -3.13 1.30 15.01
N PRO A 23 -4.37 0.86 15.29
CA PRO A 23 -4.81 -0.51 15.07
C PRO A 23 -4.93 -0.86 13.58
N VAL A 24 -4.50 -2.06 13.20
CA VAL A 24 -4.49 -2.55 11.82
C VAL A 24 -4.50 -4.08 11.77
N VAL A 25 -5.15 -4.63 10.74
CA VAL A 25 -5.29 -6.08 10.55
C VAL A 25 -4.31 -6.58 9.50
N ASN A 26 -3.76 -7.77 9.73
CA ASN A 26 -2.85 -8.41 8.78
C ASN A 26 -3.61 -9.27 7.78
N ARG A 27 -3.55 -8.90 6.50
CA ARG A 27 -4.21 -9.62 5.40
C ARG A 27 -3.83 -9.07 4.01
N PRO A 28 -4.12 -9.80 2.93
CA PRO A 28 -3.93 -9.32 1.56
C PRO A 28 -4.90 -8.18 1.22
N LEU A 29 -4.36 -7.06 0.76
CA LEU A 29 -5.14 -5.91 0.33
C LEU A 29 -6.01 -6.28 -0.87
N SER A 30 -7.17 -5.67 -0.93
CA SER A 30 -8.15 -5.89 -1.99
C SER A 30 -8.15 -4.74 -2.99
N LEU A 31 -8.95 -4.84 -4.05
CA LEU A 31 -9.07 -3.78 -5.05
C LEU A 31 -9.35 -2.42 -4.42
N LYS A 32 -10.15 -2.40 -3.33
CA LYS A 32 -10.43 -1.20 -2.55
C LYS A 32 -9.14 -0.56 -2.08
N ASP A 33 -8.23 -1.34 -1.49
CA ASP A 33 -7.01 -0.81 -0.92
C ASP A 33 -6.11 -0.24 -2.00
N GLN A 34 -6.01 -0.93 -3.14
CA GLN A 34 -5.22 -0.46 -4.27
C GLN A 34 -5.80 0.82 -4.88
N GLN A 35 -7.13 0.91 -4.96
CA GLN A 35 -7.84 2.08 -5.47
C GLN A 35 -7.72 3.25 -4.51
N THR A 36 -8.08 3.04 -3.24
CA THR A 36 -8.02 4.06 -2.20
C THR A 36 -6.58 4.50 -1.99
N PHE A 37 -5.61 3.59 -2.01
CA PHE A 37 -4.20 3.92 -1.90
C PHE A 37 -3.81 4.89 -2.95
N ALA A 38 -3.74 4.47 -4.21
CA ALA A 38 -3.32 5.32 -5.30
C ALA A 38 -4.11 6.65 -5.40
N ARG A 39 -5.35 6.64 -4.89
CA ARG A 39 -6.23 7.80 -4.82
C ARG A 39 -6.02 8.67 -3.58
N SER A 40 -5.26 8.18 -2.60
CA SER A 40 -4.97 8.83 -1.32
C SER A 40 -3.55 9.35 -1.27
N VAL A 41 -2.56 8.50 -1.53
CA VAL A 41 -1.17 8.93 -1.62
C VAL A 41 -0.92 9.96 -2.71
N GLY A 42 -1.62 9.82 -3.84
CA GLY A 42 -1.47 10.70 -4.99
C GLY A 42 0.00 10.84 -5.44
N LEU A 43 0.69 11.89 -5.01
CA LEU A 43 2.12 12.10 -5.27
C LEU A 43 3.03 11.22 -4.42
N LYS A 44 2.59 10.85 -3.21
CA LYS A 44 3.33 9.95 -2.31
C LYS A 44 3.41 8.54 -2.81
N TRP A 45 2.68 8.22 -3.87
CA TRP A 45 2.71 6.92 -4.51
C TRP A 45 4.14 6.45 -4.82
N ARG A 46 5.02 7.41 -5.17
CA ARG A 46 6.44 7.17 -5.44
C ARG A 46 7.18 6.84 -4.17
N LYS A 47 6.92 7.59 -3.11
CA LYS A 47 7.54 7.37 -1.81
C LYS A 47 7.16 6.02 -1.25
N VAL A 48 5.88 5.67 -1.23
CA VAL A 48 5.41 4.38 -0.73
C VAL A 48 6.09 3.23 -1.45
N GLY A 49 6.22 3.32 -2.76
CA GLY A 49 6.86 2.27 -3.54
C GLY A 49 8.33 2.09 -3.17
N ARG A 50 9.06 3.20 -3.03
CA ARG A 50 10.48 3.20 -2.66
C ARG A 50 10.70 2.81 -1.20
N SER A 51 9.75 3.15 -0.34
CA SER A 51 9.80 2.82 1.08
C SER A 51 9.49 1.35 1.33
N LEU A 52 8.61 0.77 0.51
CA LEU A 52 8.29 -0.66 0.57
C LEU A 52 9.45 -1.54 0.15
N GLN A 53 10.40 -1.00 -0.62
CA GLN A 53 11.58 -1.75 -1.05
C GLN A 53 12.35 -2.34 0.14
N ARG A 54 12.55 -1.55 1.20
CA ARG A 54 13.21 -2.01 2.42
C ARG A 54 12.43 -3.11 3.12
N GLY A 55 11.11 -2.95 3.20
CA GLY A 55 10.23 -3.90 3.87
C GLY A 55 10.16 -5.25 3.15
N CYS A 56 9.87 -5.22 1.84
CA CYS A 56 9.80 -6.39 0.97
C CYS A 56 10.79 -6.28 -0.18
N ARG A 57 11.78 -7.17 -0.17
CA ARG A 57 12.80 -7.25 -1.23
C ARG A 57 12.22 -7.66 -2.57
N ALA A 58 11.01 -8.23 -2.56
CA ALA A 58 10.27 -8.60 -3.76
C ALA A 58 9.98 -7.40 -4.68
N LEU A 59 10.01 -6.18 -4.12
CA LEU A 59 9.74 -4.94 -4.84
C LEU A 59 10.95 -4.00 -4.81
N ARG A 60 12.10 -4.50 -4.37
CA ARG A 60 13.36 -3.74 -4.29
C ARG A 60 13.91 -3.41 -5.67
N ASP A 61 13.63 -4.30 -6.64
CA ASP A 61 14.06 -4.12 -8.02
C ASP A 61 13.63 -2.75 -8.56
N PRO A 62 14.19 -2.29 -9.68
CA PRO A 62 13.81 -1.07 -10.37
C PRO A 62 12.40 -1.14 -10.98
N ALA A 63 11.48 -1.89 -10.37
CA ALA A 63 10.11 -2.01 -10.82
C ALA A 63 9.47 -0.63 -10.96
N LEU A 64 9.64 0.28 -9.99
CA LEU A 64 9.10 1.64 -10.02
C LEU A 64 9.37 2.37 -11.34
N ASP A 65 10.54 2.13 -11.92
CA ASP A 65 10.98 2.74 -13.18
C ASP A 65 10.04 2.34 -14.33
N SER A 66 9.89 1.03 -14.54
CA SER A 66 8.97 0.49 -15.53
C SER A 66 7.51 0.71 -15.11
N LEU A 67 7.20 0.73 -13.82
CA LEU A 67 5.87 0.97 -13.30
C LEU A 67 5.37 2.35 -13.69
N ALA A 68 6.18 3.38 -13.46
CA ALA A 68 5.80 4.72 -13.82
C ALA A 68 5.66 4.88 -15.33
N TYR A 69 6.56 4.29 -16.13
CA TYR A 69 6.53 4.38 -17.58
C TYR A 69 5.39 3.56 -18.22
N GLU A 70 5.12 2.38 -17.71
CA GLU A 70 4.03 1.49 -18.14
C GLU A 70 2.67 2.03 -17.71
N TYR A 71 2.59 2.56 -16.49
CA TYR A 71 1.38 3.14 -15.90
C TYR A 71 1.34 4.66 -16.10
N GLU A 72 2.19 5.18 -16.97
CA GLU A 72 2.24 6.61 -17.29
C GLU A 72 1.02 7.05 -18.10
N ARG A 73 0.23 6.08 -18.58
CA ARG A 73 -0.99 6.32 -19.36
C ARG A 73 -2.08 6.94 -18.48
N GLU A 74 -2.34 6.31 -17.33
CA GLU A 74 -3.35 6.80 -16.39
C GLU A 74 -2.77 7.84 -15.41
N GLY A 75 -1.47 7.74 -15.12
CA GLY A 75 -0.81 8.62 -14.18
C GLY A 75 -0.65 7.96 -12.82
N LEU A 76 -0.65 8.77 -11.77
CA LEU A 76 -0.44 8.34 -10.39
C LEU A 76 -1.52 7.34 -9.92
N TYR A 77 -2.68 7.38 -10.61
CA TYR A 77 -3.82 6.51 -10.34
C TYR A 77 -3.46 5.05 -10.63
N GLU A 78 -3.25 4.70 -11.89
CA GLU A 78 -2.87 3.34 -12.27
C GLU A 78 -1.47 2.99 -11.77
N GLN A 79 -0.60 4.00 -11.61
CA GLN A 79 0.76 3.83 -11.15
C GLN A 79 0.80 3.07 -9.86
N ALA A 80 0.12 3.59 -8.85
CA ALA A 80 0.05 2.97 -7.55
C ALA A 80 -1.02 1.88 -7.46
N PHE A 81 -2.09 2.02 -8.24
CA PHE A 81 -3.16 1.05 -8.23
C PHE A 81 -2.64 -0.33 -8.58
N GLN A 82 -1.99 -0.45 -9.74
CA GLN A 82 -1.39 -1.70 -10.16
C GLN A 82 -0.13 -2.04 -9.37
N LEU A 83 0.58 -1.04 -8.83
CA LEU A 83 1.76 -1.26 -7.98
C LEU A 83 1.44 -2.17 -6.80
N LEU A 84 0.25 -2.04 -6.23
CA LEU A 84 -0.15 -2.89 -5.11
C LEU A 84 -0.27 -4.35 -5.51
N ARG A 85 -0.58 -4.61 -6.79
CA ARG A 85 -0.69 -5.96 -7.35
C ARG A 85 0.67 -6.57 -7.60
N ARG A 86 1.71 -5.77 -7.82
CA ARG A 86 3.08 -6.25 -8.02
C ARG A 86 3.53 -7.19 -6.92
N PHE A 87 3.27 -6.80 -5.67
CA PHE A 87 3.58 -7.63 -4.52
C PHE A 87 2.71 -8.87 -4.43
N VAL A 88 1.43 -8.74 -4.78
CA VAL A 88 0.49 -9.84 -4.79
C VAL A 88 0.83 -10.85 -5.87
N GLN A 89 1.37 -10.41 -7.01
CA GLN A 89 1.79 -11.28 -8.09
C GLN A 89 2.90 -12.23 -7.64
N ALA A 90 3.81 -11.74 -6.78
CA ALA A 90 4.93 -12.54 -6.28
C ALA A 90 4.45 -13.76 -5.50
N GLU A 91 3.57 -13.53 -4.52
CA GLU A 91 3.03 -14.59 -3.68
C GLU A 91 1.51 -14.50 -3.52
N GLY A 92 1.01 -13.33 -3.17
CA GLY A 92 -0.41 -13.03 -3.05
C GLY A 92 -1.04 -13.58 -1.78
N ARG A 93 -0.87 -14.89 -1.54
CA ARG A 93 -1.30 -15.57 -0.32
C ARG A 93 -0.51 -15.09 0.90
N ARG A 94 0.81 -14.94 0.74
CA ARG A 94 1.70 -14.45 1.80
C ARG A 94 1.70 -12.94 1.90
N ALA A 95 1.50 -12.24 0.77
CA ALA A 95 1.43 -10.80 0.74
C ALA A 95 0.41 -10.28 1.75
N THR A 96 0.88 -9.54 2.74
CA THR A 96 0.06 -8.97 3.81
C THR A 96 0.22 -7.46 3.86
N LEU A 97 -0.78 -6.81 4.46
CA LEU A 97 -0.75 -5.37 4.65
C LEU A 97 0.49 -4.96 5.41
N GLN A 98 0.98 -5.76 6.38
CA GLN A 98 2.17 -5.47 7.16
C GLN A 98 3.29 -4.83 6.34
N ARG A 99 3.58 -5.42 5.16
CA ARG A 99 4.61 -4.92 4.25
C ARG A 99 4.30 -3.51 3.81
N LEU A 100 3.12 -3.31 3.21
CA LEU A 100 2.67 -2.01 2.80
C LEU A 100 2.76 -1.00 3.95
N VAL A 101 2.30 -1.37 5.14
CA VAL A 101 2.30 -0.47 6.29
C VAL A 101 3.69 0.01 6.63
N GLU A 102 4.66 -0.91 6.66
CA GLU A 102 6.06 -0.60 6.89
C GLU A 102 6.61 0.42 5.89
N ALA A 103 6.13 0.40 4.65
CA ALA A 103 6.49 1.38 3.66
C ALA A 103 5.98 2.79 3.99
N LEU A 104 4.72 2.89 4.40
CA LEU A 104 4.17 4.18 4.79
C LEU A 104 4.74 4.68 6.11
N GLU A 105 5.13 3.77 6.99
CA GLU A 105 5.74 4.09 8.28
C GLU A 105 7.06 4.85 8.12
N GLU A 106 7.70 4.75 6.95
CA GLU A 106 8.93 5.47 6.63
C GLU A 106 8.66 6.94 6.32
N ASN A 107 7.68 7.22 5.47
CA ASN A 107 7.30 8.60 5.14
C ASN A 107 6.38 9.24 6.18
N GLU A 108 6.10 8.53 7.26
CA GLU A 108 5.24 9.00 8.34
C GLU A 108 3.78 9.11 7.90
N LEU A 109 3.31 8.14 7.12
CA LEU A 109 1.97 8.09 6.57
C LEU A 109 1.07 7.19 7.43
N THR A 110 0.99 7.45 8.72
CA THR A 110 0.15 6.64 9.63
C THR A 110 -1.32 6.72 9.26
N SER A 111 -1.83 7.94 9.17
CA SER A 111 -3.23 8.24 8.85
C SER A 111 -3.58 7.75 7.45
N LEU A 112 -2.63 7.83 6.51
CA LEU A 112 -2.82 7.31 5.17
C LEU A 112 -2.81 5.78 5.17
N ALA A 113 -1.91 5.13 5.93
CA ALA A 113 -1.79 3.67 5.97
C ALA A 113 -3.05 2.98 6.42
N GLU A 114 -3.61 3.42 7.54
CA GLU A 114 -4.91 2.95 8.00
C GLU A 114 -6.03 3.29 7.02
N ASP A 115 -6.01 4.49 6.44
CA ASP A 115 -7.01 4.93 5.47
C ASP A 115 -7.09 4.01 4.25
N LEU A 116 -5.99 3.33 3.92
CA LEU A 116 -5.94 2.39 2.81
C LEU A 116 -6.96 1.28 2.97
N LEU A 117 -7.06 0.75 4.19
CA LEU A 117 -8.01 -0.30 4.51
C LEU A 117 -9.43 0.22 4.66
N GLY A 118 -9.61 1.53 4.55
CA GLY A 118 -10.89 2.20 4.72
C GLY A 118 -11.20 2.53 6.18
N LEU A 119 -10.19 2.89 6.98
CA LEU A 119 -10.35 3.30 8.38
C LEU A 119 -10.68 4.79 8.54
N THR A 120 -11.05 5.45 7.45
CA THR A 120 -11.44 6.87 7.42
C THR A 120 -12.90 7.09 7.78
N ASP A 121 -13.56 6.07 8.31
CA ASP A 121 -14.96 6.11 8.70
C ASP A 121 -15.10 6.14 10.23
N PRO A 122 -16.22 6.67 10.74
CA PRO A 122 -16.55 6.73 12.17
C PRO A 122 -16.88 5.35 12.77
N ASN A 123 -16.47 4.25 12.13
CA ASN A 123 -16.72 2.88 12.56
C ASN A 123 -18.19 2.64 12.95
N GLY A 124 -19.11 3.35 12.30
CA GLY A 124 -20.52 3.40 12.66
C GLY A 124 -21.25 2.16 12.14
N GLY A 125 -21.15 1.06 12.89
CA GLY A 125 -21.76 -0.21 12.48
C GLY A 125 -21.02 -1.45 12.97
N LEU A 126 -20.70 -1.50 14.28
CA LEU A 126 -19.94 -2.61 14.88
C LEU A 126 -18.56 -2.79 14.22
N ALA A 127 -17.83 -3.85 14.60
CA ALA A 127 -16.53 -4.21 14.01
C ALA A 127 -16.20 -5.72 14.11
N ALA A 14 -11.35 -9.55 14.81
CA ALA A 14 -10.49 -8.82 13.84
C ALA A 14 -9.04 -8.89 14.30
N GLN A 15 -8.22 -9.74 13.68
CA GLN A 15 -6.80 -9.83 13.98
C GLN A 15 -6.05 -8.59 13.46
N THR A 16 -5.64 -7.73 14.36
CA THR A 16 -4.90 -6.48 14.09
C THR A 16 -3.64 -6.40 14.94
N PHE A 17 -2.65 -5.66 14.43
CA PHE A 17 -1.41 -5.40 15.12
C PHE A 17 -1.25 -3.90 15.37
N LEU A 18 -0.59 -3.54 16.47
CA LEU A 18 -0.26 -2.16 16.79
C LEU A 18 0.94 -1.69 15.96
N PHE A 19 0.72 -0.69 15.13
CA PHE A 19 1.76 -0.08 14.29
C PHE A 19 1.75 1.44 14.47
N GLN A 20 2.89 2.03 14.82
CA GLN A 20 3.01 3.49 15.05
C GLN A 20 1.98 4.05 16.05
N GLY A 21 1.50 3.19 16.95
CA GLY A 21 0.45 3.55 17.92
C GLY A 21 -0.96 3.54 17.31
N GLN A 22 -1.14 2.98 16.12
CA GLN A 22 -2.40 2.87 15.40
C GLN A 22 -2.76 1.39 15.13
N PRO A 23 -4.02 0.99 15.39
CA PRO A 23 -4.53 -0.34 15.09
C PRO A 23 -4.69 -0.58 13.58
N VAL A 24 -4.35 -1.77 13.09
CA VAL A 24 -4.44 -2.19 11.68
C VAL A 24 -4.63 -3.69 11.53
N VAL A 25 -5.70 -4.09 10.82
CA VAL A 25 -5.99 -5.51 10.56
C VAL A 25 -4.94 -6.11 9.65
N ASN A 26 -4.53 -7.35 9.94
CA ASN A 26 -3.59 -8.09 9.13
C ASN A 26 -4.31 -8.98 8.13
N ARG A 27 -4.13 -8.71 6.83
CA ARG A 27 -4.74 -9.46 5.73
C ARG A 27 -4.21 -9.05 4.35
N PRO A 28 -4.47 -9.82 3.29
CA PRO A 28 -4.15 -9.46 1.92
C PRO A 28 -5.02 -8.28 1.43
N LEU A 29 -4.37 -7.23 0.95
CA LEU A 29 -5.02 -6.05 0.38
C LEU A 29 -5.84 -6.44 -0.84
N SER A 30 -7.08 -6.00 -0.88
CA SER A 30 -8.00 -6.23 -1.98
C SER A 30 -7.92 -5.12 -3.03
N LEU A 31 -8.72 -5.24 -4.09
CA LEU A 31 -8.81 -4.21 -5.10
C LEU A 31 -9.08 -2.83 -4.51
N LYS A 32 -9.94 -2.78 -3.47
CA LYS A 32 -10.24 -1.56 -2.72
C LYS A 32 -8.96 -0.88 -2.27
N ASP A 33 -8.02 -1.63 -1.69
CA ASP A 33 -6.80 -1.07 -1.14
C ASP A 33 -5.95 -0.45 -2.24
N GLN A 34 -5.93 -1.06 -3.42
CA GLN A 34 -5.19 -0.57 -4.59
C GLN A 34 -5.78 0.74 -5.11
N GLN A 35 -7.10 0.84 -5.15
CA GLN A 35 -7.83 2.04 -5.55
C GLN A 35 -7.71 3.13 -4.51
N THR A 36 -8.08 2.84 -3.26
CA THR A 36 -8.02 3.78 -2.15
C THR A 36 -6.60 4.26 -1.95
N PHE A 37 -5.59 3.39 -2.07
CA PHE A 37 -4.20 3.77 -1.99
C PHE A 37 -3.87 4.81 -3.01
N ALA A 38 -3.81 4.46 -4.29
CA ALA A 38 -3.47 5.40 -5.34
C ALA A 38 -4.31 6.69 -5.34
N ARG A 39 -5.53 6.61 -4.79
CA ARG A 39 -6.48 7.71 -4.63
C ARG A 39 -6.25 8.53 -3.35
N SER A 40 -5.46 8.04 -2.42
CA SER A 40 -5.16 8.62 -1.12
C SER A 40 -3.74 9.20 -1.10
N VAL A 41 -2.74 8.40 -1.43
CA VAL A 41 -1.36 8.88 -1.53
C VAL A 41 -1.19 9.93 -2.60
N GLY A 42 -1.86 9.76 -3.73
CA GLY A 42 -1.75 10.65 -4.89
C GLY A 42 -0.30 10.86 -5.33
N LEU A 43 0.36 11.90 -4.81
CA LEU A 43 1.75 12.25 -5.11
C LEU A 43 2.74 11.41 -4.30
N LYS A 44 2.31 10.95 -3.13
CA LYS A 44 3.06 10.07 -2.24
C LYS A 44 3.21 8.66 -2.76
N TRP A 45 2.49 8.34 -3.83
CA TRP A 45 2.57 7.06 -4.50
C TRP A 45 4.02 6.66 -4.81
N ARG A 46 4.83 7.67 -5.19
CA ARG A 46 6.25 7.50 -5.48
C ARG A 46 7.02 7.13 -4.22
N LYS A 47 6.74 7.82 -3.11
CA LYS A 47 7.39 7.57 -1.83
C LYS A 47 7.10 6.18 -1.34
N VAL A 48 5.83 5.80 -1.29
CA VAL A 48 5.41 4.46 -0.82
C VAL A 48 6.09 3.37 -1.62
N GLY A 49 6.14 3.55 -2.94
CA GLY A 49 6.81 2.60 -3.79
C GLY A 49 8.26 2.45 -3.36
N ARG A 50 8.99 3.57 -3.24
CA ARG A 50 10.43 3.59 -2.89
C ARG A 50 10.71 3.06 -1.49
N SER A 51 9.79 3.29 -0.56
CA SER A 51 9.90 2.79 0.81
C SER A 51 9.66 1.28 0.87
N LEU A 52 8.77 0.76 0.02
CA LEU A 52 8.49 -0.67 -0.06
C LEU A 52 9.68 -1.46 -0.62
N GLN A 53 10.62 -0.79 -1.31
CA GLN A 53 11.80 -1.41 -1.89
C GLN A 53 12.65 -2.09 -0.81
N ARG A 54 12.93 -1.37 0.28
CA ARG A 54 13.68 -1.92 1.42
C ARG A 54 12.81 -2.86 2.27
N GLY A 55 11.52 -2.55 2.39
CA GLY A 55 10.59 -3.32 3.21
C GLY A 55 10.41 -4.75 2.70
N CYS A 56 10.15 -4.91 1.41
CA CYS A 56 10.02 -6.21 0.75
C CYS A 56 11.02 -6.32 -0.41
N ARG A 57 11.94 -7.27 -0.28
CA ARG A 57 12.92 -7.61 -1.33
C ARG A 57 12.27 -8.04 -2.64
N ALA A 58 11.01 -8.50 -2.60
CA ALA A 58 10.26 -8.86 -3.78
C ALA A 58 9.92 -7.66 -4.67
N LEU A 59 9.94 -6.45 -4.10
CA LEU A 59 9.64 -5.20 -4.79
C LEU A 59 10.81 -4.24 -4.74
N ARG A 60 11.99 -4.69 -4.30
CA ARG A 60 13.21 -3.88 -4.21
C ARG A 60 13.81 -3.50 -5.55
N ASP A 61 13.52 -4.33 -6.55
CA ASP A 61 13.98 -4.18 -7.92
C ASP A 61 13.54 -2.80 -8.47
N PRO A 62 14.15 -2.30 -9.54
CA PRO A 62 13.78 -1.05 -10.21
C PRO A 62 12.41 -1.14 -10.92
N ALA A 63 11.47 -1.89 -10.39
CA ALA A 63 10.13 -2.00 -10.92
C ALA A 63 9.46 -0.63 -11.01
N LEU A 64 9.59 0.23 -9.97
CA LEU A 64 9.03 1.58 -9.96
C LEU A 64 9.37 2.39 -11.21
N ASP A 65 10.59 2.19 -11.73
CA ASP A 65 11.08 2.85 -12.93
C ASP A 65 10.18 2.54 -14.14
N SER A 66 10.03 1.24 -14.43
CA SER A 66 9.16 0.75 -15.50
C SER A 66 7.69 0.95 -15.13
N LEU A 67 7.30 0.86 -13.86
CA LEU A 67 5.95 1.08 -13.39
C LEU A 67 5.47 2.47 -13.73
N ALA A 68 6.27 3.49 -13.42
CA ALA A 68 5.91 4.86 -13.73
C ALA A 68 5.80 5.08 -15.25
N TYR A 69 6.74 4.55 -16.04
CA TYR A 69 6.73 4.70 -17.49
C TYR A 69 5.57 3.94 -18.15
N GLU A 70 5.27 2.74 -17.68
CA GLU A 70 4.21 1.88 -18.21
C GLU A 70 2.83 2.40 -17.79
N TYR A 71 2.72 2.89 -16.57
CA TYR A 71 1.50 3.48 -16.01
C TYR A 71 1.49 5.00 -16.17
N GLU A 72 2.40 5.55 -16.97
CA GLU A 72 2.47 6.99 -17.27
C GLU A 72 1.30 7.46 -18.14
N ARG A 73 0.54 6.50 -18.68
CA ARG A 73 -0.63 6.75 -19.51
C ARG A 73 -1.81 7.24 -18.68
N GLU A 74 -2.17 6.48 -17.64
CA GLU A 74 -3.29 6.84 -16.76
C GLU A 74 -2.88 7.91 -15.76
N GLY A 75 -1.65 7.84 -15.25
CA GLY A 75 -1.13 8.76 -14.25
C GLY A 75 -0.86 8.04 -12.93
N LEU A 76 -0.87 8.81 -11.84
CA LEU A 76 -0.54 8.34 -10.49
C LEU A 76 -1.54 7.26 -10.01
N TYR A 77 -2.76 7.32 -10.54
CA TYR A 77 -3.81 6.36 -10.25
C TYR A 77 -3.39 4.96 -10.65
N GLU A 78 -3.25 4.69 -11.95
CA GLU A 78 -2.83 3.38 -12.43
C GLU A 78 -1.42 3.03 -11.92
N GLN A 79 -0.58 4.05 -11.73
CA GLN A 79 0.78 3.88 -11.24
C GLN A 79 0.81 3.12 -9.94
N ALA A 80 0.09 3.64 -8.96
CA ALA A 80 0.01 3.03 -7.64
C ALA A 80 -1.03 1.90 -7.53
N PHE A 81 -2.07 1.97 -8.36
CA PHE A 81 -3.09 0.96 -8.41
C PHE A 81 -2.46 -0.42 -8.63
N GLN A 82 -1.74 -0.60 -9.73
CA GLN A 82 -1.10 -1.87 -10.02
C GLN A 82 0.16 -2.10 -9.18
N LEU A 83 0.79 -1.03 -8.70
CA LEU A 83 1.93 -1.13 -7.79
C LEU A 83 1.61 -2.00 -6.57
N LEU A 84 0.38 -1.92 -6.07
CA LEU A 84 -0.07 -2.71 -4.93
C LEU A 84 -0.24 -4.18 -5.27
N ARG A 85 -0.58 -4.47 -6.53
CA ARG A 85 -0.75 -5.84 -7.05
C ARG A 85 0.59 -6.50 -7.29
N ARG A 86 1.65 -5.73 -7.56
CA ARG A 86 3.00 -6.24 -7.78
C ARG A 86 3.46 -7.16 -6.65
N PHE A 87 3.12 -6.77 -5.41
CA PHE A 87 3.46 -7.56 -4.23
C PHE A 87 2.61 -8.82 -4.14
N VAL A 88 1.33 -8.69 -4.46
CA VAL A 88 0.37 -9.80 -4.46
C VAL A 88 0.70 -10.81 -5.55
N GLN A 89 1.20 -10.37 -6.70
CA GLN A 89 1.62 -11.21 -7.80
C GLN A 89 2.73 -12.19 -7.38
N ALA A 90 3.64 -11.74 -6.50
CA ALA A 90 4.74 -12.56 -6.02
C ALA A 90 4.24 -13.80 -5.28
N GLU A 91 3.35 -13.60 -4.29
CA GLU A 91 2.79 -14.68 -3.49
C GLU A 91 1.28 -14.55 -3.32
N GLY A 92 0.83 -13.38 -2.88
CA GLY A 92 -0.58 -13.03 -2.72
C GLY A 92 -1.20 -13.64 -1.47
N ARG A 93 -1.03 -14.95 -1.28
CA ARG A 93 -1.46 -15.69 -0.08
C ARG A 93 -0.62 -15.31 1.14
N ARG A 94 0.71 -15.21 0.95
CA ARG A 94 1.65 -14.83 2.02
C ARG A 94 1.74 -13.32 2.19
N ALA A 95 1.69 -12.59 1.08
CA ALA A 95 1.73 -11.14 1.07
C ALA A 95 0.68 -10.55 2.03
N THR A 96 1.12 -9.79 3.01
CA THR A 96 0.26 -9.18 4.04
C THR A 96 0.42 -7.68 4.05
N LEU A 97 -0.58 -6.99 4.61
CA LEU A 97 -0.54 -5.55 4.74
C LEU A 97 0.70 -5.11 5.47
N GLN A 98 1.18 -5.86 6.46
CA GLN A 98 2.37 -5.57 7.25
C GLN A 98 3.50 -4.92 6.42
N ARG A 99 3.81 -5.53 5.27
CA ARG A 99 4.85 -5.05 4.35
C ARG A 99 4.55 -3.66 3.81
N LEU A 100 3.33 -3.49 3.27
CA LEU A 100 2.87 -2.20 2.83
C LEU A 100 2.96 -1.18 3.96
N VAL A 101 2.51 -1.51 5.17
CA VAL A 101 2.52 -0.57 6.30
C VAL A 101 3.92 -0.07 6.59
N GLU A 102 4.90 -0.96 6.59
CA GLU A 102 6.30 -0.62 6.77
C GLU A 102 6.80 0.41 5.75
N ALA A 103 6.32 0.35 4.51
CA ALA A 103 6.63 1.33 3.48
C ALA A 103 6.11 2.73 3.83
N LEU A 104 4.86 2.83 4.29
CA LEU A 104 4.30 4.11 4.71
C LEU A 104 4.89 4.60 6.02
N GLU A 105 5.32 3.70 6.88
CA GLU A 105 5.95 4.01 8.17
C GLU A 105 7.24 4.83 7.99
N GLU A 106 7.86 4.77 6.80
CA GLU A 106 9.04 5.54 6.46
C GLU A 106 8.75 7.02 6.26
N ASN A 107 7.73 7.32 5.44
CA ASN A 107 7.32 8.70 5.19
C ASN A 107 6.38 9.24 6.27
N GLU A 108 6.13 8.45 7.32
CA GLU A 108 5.25 8.83 8.42
C GLU A 108 3.77 8.90 7.99
N LEU A 109 3.35 7.98 7.12
CA LEU A 109 2.00 7.94 6.58
C LEU A 109 1.11 7.01 7.40
N THR A 110 1.02 7.24 8.70
CA THR A 110 0.23 6.40 9.60
C THR A 110 -1.26 6.46 9.27
N SER A 111 -1.78 7.68 9.20
CA SER A 111 -3.18 7.97 8.88
C SER A 111 -3.55 7.52 7.47
N LEU A 112 -2.59 7.61 6.53
CA LEU A 112 -2.78 7.11 5.18
C LEU A 112 -2.76 5.57 5.16
N ALA A 113 -1.86 4.92 5.90
CA ALA A 113 -1.71 3.47 5.93
C ALA A 113 -2.97 2.75 6.35
N GLU A 114 -3.53 3.17 7.48
CA GLU A 114 -4.83 2.67 7.93
C GLU A 114 -5.96 3.03 6.95
N ASP A 115 -5.96 4.25 6.40
CA ASP A 115 -6.97 4.69 5.44
C ASP A 115 -7.04 3.78 4.21
N LEU A 116 -5.93 3.12 3.86
CA LEU A 116 -5.86 2.19 2.74
C LEU A 116 -6.83 1.03 2.87
N LEU A 117 -6.91 0.48 4.08
CA LEU A 117 -7.85 -0.58 4.40
C LEU A 117 -9.27 -0.09 4.59
N GLY A 118 -9.48 1.21 4.49
CA GLY A 118 -10.77 1.85 4.69
C GLY A 118 -11.09 2.13 6.16
N LEU A 119 -10.07 2.49 6.96
CA LEU A 119 -10.22 2.87 8.38
C LEU A 119 -10.58 4.36 8.57
N THR A 120 -10.95 5.06 7.49
CA THR A 120 -11.38 6.48 7.51
C THR A 120 -12.84 6.65 7.96
N ASP A 121 -13.47 5.58 8.44
CA ASP A 121 -14.85 5.58 8.87
C ASP A 121 -14.96 5.58 10.42
N PRO A 122 -16.06 6.10 10.96
CA PRO A 122 -16.36 6.10 12.40
C PRO A 122 -16.64 4.68 12.95
N ASN A 123 -16.25 3.62 12.25
CA ASN A 123 -16.45 2.22 12.62
C ASN A 123 -15.13 1.51 12.96
N GLY A 124 -14.07 2.27 13.23
CA GLY A 124 -12.73 1.76 13.52
C GLY A 124 -12.15 2.23 14.86
N GLY A 125 -13.00 2.77 15.73
CA GLY A 125 -12.61 3.29 17.03
C GLY A 125 -13.50 4.43 17.52
N LEU A 126 -14.83 4.21 17.53
CA LEU A 126 -15.79 5.16 18.10
C LEU A 126 -15.49 5.51 19.56
N ALA A 127 -16.00 6.66 20.01
CA ALA A 127 -15.84 7.18 21.38
C ALA A 127 -16.73 8.41 21.64
N ALA A 14 -9.30 -10.62 14.69
CA ALA A 14 -8.56 -11.90 14.45
C ALA A 14 -7.04 -11.69 14.62
N GLN A 15 -6.38 -11.15 13.58
CA GLN A 15 -4.95 -10.89 13.53
C GLN A 15 -4.66 -9.41 13.35
N THR A 16 -4.43 -8.72 14.44
CA THR A 16 -4.11 -7.29 14.47
C THR A 16 -2.77 -7.03 15.11
N PHE A 17 -2.12 -5.97 14.66
CA PHE A 17 -0.83 -5.54 15.19
C PHE A 17 -0.80 -4.03 15.38
N LEU A 18 -0.06 -3.57 16.39
CA LEU A 18 0.12 -2.15 16.63
C LEU A 18 1.16 -1.57 15.66
N PHE A 19 0.78 -0.52 14.94
CA PHE A 19 1.65 0.18 14.00
C PHE A 19 1.45 1.67 14.12
N GLN A 20 2.53 2.41 14.38
CA GLN A 20 2.47 3.87 14.52
C GLN A 20 1.44 4.34 15.58
N GLY A 21 1.11 3.48 16.54
CA GLY A 21 0.07 3.74 17.53
C GLY A 21 -1.35 3.61 16.98
N GLN A 22 -1.53 2.98 15.82
CA GLN A 22 -2.81 2.77 15.15
C GLN A 22 -3.07 1.26 14.96
N PRO A 23 -4.31 0.79 15.23
CA PRO A 23 -4.73 -0.58 15.03
C PRO A 23 -4.86 -0.93 13.53
N VAL A 24 -4.43 -2.13 13.15
CA VAL A 24 -4.44 -2.63 11.77
C VAL A 24 -4.44 -4.13 11.70
N VAL A 25 -5.12 -4.69 10.71
CA VAL A 25 -5.26 -6.14 10.52
C VAL A 25 -4.33 -6.64 9.43
N ASN A 26 -3.66 -7.76 9.70
CA ASN A 26 -2.77 -8.40 8.75
C ASN A 26 -3.55 -9.24 7.75
N ARG A 27 -3.51 -8.85 6.48
CA ARG A 27 -4.18 -9.57 5.38
C ARG A 27 -3.80 -9.03 3.99
N PRO A 28 -4.08 -9.76 2.91
CA PRO A 28 -3.90 -9.29 1.53
C PRO A 28 -4.86 -8.13 1.19
N LEU A 29 -4.31 -7.00 0.76
CA LEU A 29 -5.10 -5.86 0.32
C LEU A 29 -5.96 -6.21 -0.87
N SER A 30 -7.15 -5.66 -0.89
CA SER A 30 -8.14 -5.88 -1.95
C SER A 30 -8.13 -4.73 -2.95
N LEU A 31 -8.92 -4.83 -4.02
CA LEU A 31 -9.04 -3.77 -5.03
C LEU A 31 -9.30 -2.41 -4.39
N LYS A 32 -10.12 -2.39 -3.32
CA LYS A 32 -10.40 -1.18 -2.55
C LYS A 32 -9.12 -0.54 -2.07
N ASP A 33 -8.21 -1.32 -1.48
CA ASP A 33 -6.99 -0.80 -0.88
C ASP A 33 -6.09 -0.22 -1.96
N GLN A 34 -5.98 -0.91 -3.09
CA GLN A 34 -5.19 -0.44 -4.22
C GLN A 34 -5.76 0.83 -4.84
N GLN A 35 -7.10 0.91 -4.94
CA GLN A 35 -7.80 2.07 -5.47
C GLN A 35 -7.71 3.24 -4.51
N THR A 36 -8.09 3.04 -3.24
CA THR A 36 -8.06 4.07 -2.21
C THR A 36 -6.63 4.53 -2.00
N PHE A 37 -5.65 3.62 -1.99
CA PHE A 37 -4.25 3.97 -1.87
C PHE A 37 -3.84 4.95 -2.92
N ALA A 38 -3.76 4.53 -4.18
CA ALA A 38 -3.34 5.38 -5.26
C ALA A 38 -4.14 6.68 -5.39
N ARG A 39 -5.38 6.67 -4.89
CA ARG A 39 -6.29 7.80 -4.83
C ARG A 39 -6.11 8.69 -3.59
N SER A 40 -5.35 8.22 -2.61
CA SER A 40 -5.09 8.87 -1.31
C SER A 40 -3.68 9.41 -1.25
N VAL A 41 -2.67 8.57 -1.50
CA VAL A 41 -1.29 9.03 -1.57
C VAL A 41 -1.04 10.07 -2.65
N GLY A 42 -1.70 9.92 -3.80
CA GLY A 42 -1.56 10.80 -4.94
C GLY A 42 -0.10 10.99 -5.37
N LEU A 43 0.57 12.05 -4.90
CA LEU A 43 2.00 12.30 -5.12
C LEU A 43 2.91 11.42 -4.28
N LYS A 44 2.45 11.01 -3.09
CA LYS A 44 3.19 10.12 -2.19
C LYS A 44 3.30 8.70 -2.70
N TRP A 45 2.58 8.39 -3.76
CA TRP A 45 2.62 7.09 -4.42
C TRP A 45 4.07 6.65 -4.72
N ARG A 46 4.92 7.63 -5.06
CA ARG A 46 6.33 7.41 -5.35
C ARG A 46 7.08 7.03 -4.09
N LYS A 47 6.84 7.76 -2.99
CA LYS A 47 7.47 7.51 -1.70
C LYS A 47 7.09 6.15 -1.15
N VAL A 48 5.80 5.83 -1.16
CA VAL A 48 5.31 4.53 -0.69
C VAL A 48 5.95 3.39 -1.46
N GLY A 49 6.04 3.52 -2.79
CA GLY A 49 6.65 2.48 -3.59
C GLY A 49 8.12 2.31 -3.23
N ARG A 50 8.84 3.44 -3.05
CA ARG A 50 10.27 3.45 -2.71
C ARG A 50 10.55 2.86 -1.32
N SER A 51 9.65 3.09 -0.37
CA SER A 51 9.79 2.55 0.98
C SER A 51 9.42 1.07 1.02
N LEU A 52 8.45 0.65 0.20
CA LEU A 52 8.03 -0.75 0.10
C LEU A 52 9.11 -1.60 -0.55
N GLN A 53 9.83 -1.05 -1.53
CA GLN A 53 10.91 -1.77 -2.18
C GLN A 53 12.09 -2.03 -1.23
N ARG A 54 12.24 -1.20 -0.19
CA ARG A 54 13.35 -1.29 0.76
C ARG A 54 13.10 -2.39 1.78
N GLY A 55 11.91 -2.36 2.37
CA GLY A 55 11.49 -3.35 3.36
C GLY A 55 11.08 -4.68 2.74
N CYS A 56 10.48 -4.66 1.55
CA CYS A 56 10.05 -5.84 0.83
C CYS A 56 11.04 -6.14 -0.31
N ARG A 57 11.91 -7.13 -0.09
CA ARG A 57 12.85 -7.62 -1.11
C ARG A 57 12.15 -8.16 -2.35
N ALA A 58 10.87 -8.50 -2.25
CA ALA A 58 10.07 -8.94 -3.38
C ALA A 58 9.84 -7.81 -4.42
N LEU A 59 9.91 -6.55 -3.98
CA LEU A 59 9.69 -5.37 -4.83
C LEU A 59 10.89 -4.45 -4.85
N ARG A 60 12.03 -4.92 -4.31
CA ARG A 60 13.29 -4.17 -4.27
C ARG A 60 13.87 -3.87 -5.64
N ASP A 61 13.53 -4.73 -6.60
CA ASP A 61 13.93 -4.56 -7.98
C ASP A 61 13.53 -3.18 -8.52
N PRO A 62 14.11 -2.74 -9.66
CA PRO A 62 13.77 -1.50 -10.33
C PRO A 62 12.34 -1.52 -10.93
N ALA A 63 11.40 -2.25 -10.33
CA ALA A 63 10.02 -2.30 -10.76
C ALA A 63 9.44 -0.89 -10.83
N LEU A 64 9.61 -0.08 -9.78
CA LEU A 64 9.08 1.28 -9.70
C LEU A 64 9.43 2.14 -10.92
N ASP A 65 10.62 1.90 -11.47
CA ASP A 65 11.15 2.59 -12.64
C ASP A 65 10.26 2.33 -13.87
N SER A 66 10.07 1.06 -14.22
CA SER A 66 9.18 0.66 -15.30
C SER A 66 7.73 0.87 -14.94
N LEU A 67 7.34 0.76 -13.67
CA LEU A 67 5.99 0.98 -13.19
C LEU A 67 5.53 2.39 -13.51
N ALA A 68 6.40 3.38 -13.36
CA ALA A 68 6.05 4.76 -13.66
C ALA A 68 5.77 4.95 -15.16
N TYR A 69 6.65 4.43 -16.03
CA TYR A 69 6.53 4.55 -17.48
C TYR A 69 5.39 3.68 -18.05
N GLU A 70 5.29 2.42 -17.62
CA GLU A 70 4.24 1.48 -17.99
C GLU A 70 2.86 1.98 -17.57
N TYR A 71 2.77 2.59 -16.38
CA TYR A 71 1.55 3.16 -15.84
C TYR A 71 1.47 4.67 -16.03
N GLU A 72 2.34 5.22 -16.87
CA GLU A 72 2.39 6.66 -17.15
C GLU A 72 1.18 7.10 -17.99
N ARG A 73 0.42 6.12 -18.50
CA ARG A 73 -0.78 6.35 -19.30
C ARG A 73 -1.90 6.94 -18.47
N GLU A 74 -2.19 6.31 -17.33
CA GLU A 74 -3.24 6.78 -16.40
C GLU A 74 -2.69 7.83 -15.42
N GLY A 75 -1.40 7.77 -15.12
CA GLY A 75 -0.74 8.67 -14.16
C GLY A 75 -0.56 8.00 -12.82
N LEU A 76 -0.60 8.81 -11.76
CA LEU A 76 -0.39 8.37 -10.37
C LEU A 76 -1.47 7.36 -9.93
N TYR A 77 -2.63 7.39 -10.61
CA TYR A 77 -3.75 6.52 -10.36
C TYR A 77 -3.39 5.06 -10.64
N GLU A 78 -3.16 4.70 -11.90
CA GLU A 78 -2.77 3.34 -12.28
C GLU A 78 -1.37 3.00 -11.75
N GLN A 79 -0.51 4.02 -11.60
CA GLN A 79 0.85 3.85 -11.13
C GLN A 79 0.87 3.11 -9.82
N ALA A 80 0.17 3.66 -8.83
CA ALA A 80 0.09 3.06 -7.51
C ALA A 80 -0.98 1.96 -7.42
N PHE A 81 -2.06 2.09 -8.19
CA PHE A 81 -3.12 1.12 -8.19
C PHE A 81 -2.58 -0.27 -8.53
N GLN A 82 -1.93 -0.40 -9.69
CA GLN A 82 -1.35 -1.66 -10.08
C GLN A 82 -0.08 -2.00 -9.30
N LEU A 83 0.63 -0.99 -8.77
CA LEU A 83 1.80 -1.21 -7.91
C LEU A 83 1.47 -2.10 -6.72
N LEU A 84 0.25 -2.02 -6.20
CA LEU A 84 -0.18 -2.84 -5.09
C LEU A 84 -0.30 -4.30 -5.48
N ARG A 85 -0.61 -4.59 -6.74
CA ARG A 85 -0.74 -5.94 -7.28
C ARG A 85 0.62 -6.57 -7.52
N ARG A 86 1.66 -5.77 -7.79
CA ARG A 86 3.03 -6.24 -8.00
C ARG A 86 3.49 -7.15 -6.85
N PHE A 87 3.20 -6.73 -5.61
CA PHE A 87 3.55 -7.50 -4.42
C PHE A 87 2.70 -8.77 -4.29
N VAL A 88 1.43 -8.65 -4.65
CA VAL A 88 0.50 -9.76 -4.62
C VAL A 88 0.85 -10.80 -5.68
N GLN A 89 1.36 -10.38 -6.84
CA GLN A 89 1.79 -11.27 -7.90
C GLN A 89 2.91 -12.20 -7.42
N ALA A 90 3.81 -11.70 -6.56
CA ALA A 90 4.92 -12.49 -6.04
C ALA A 90 4.41 -13.72 -5.28
N GLU A 91 3.54 -13.49 -4.29
CA GLU A 91 2.99 -14.56 -3.45
C GLU A 91 1.47 -14.47 -3.33
N GLY A 92 0.97 -13.30 -2.97
CA GLY A 92 -0.46 -12.99 -2.87
C GLY A 92 -1.09 -13.55 -1.60
N ARG A 93 -0.92 -14.86 -1.37
CA ARG A 93 -1.35 -15.53 -0.13
C ARG A 93 -0.57 -15.06 1.08
N ARG A 94 0.76 -14.91 0.93
CA ARG A 94 1.64 -14.42 2.00
C ARG A 94 1.67 -12.91 2.09
N ALA A 95 1.57 -12.23 0.94
CA ALA A 95 1.55 -10.78 0.86
C ALA A 95 0.49 -10.19 1.79
N THR A 96 0.93 -9.65 2.91
CA THR A 96 0.06 -9.06 3.92
C THR A 96 0.23 -7.56 3.96
N LEU A 97 -0.78 -6.87 4.50
CA LEU A 97 -0.74 -5.43 4.66
C LEU A 97 0.52 -5.00 5.38
N GLN A 98 1.02 -5.79 6.33
CA GLN A 98 2.24 -5.52 7.08
C GLN A 98 3.35 -4.89 6.21
N ARG A 99 3.61 -5.48 5.04
CA ARG A 99 4.60 -4.98 4.09
C ARG A 99 4.29 -3.56 3.63
N LEU A 100 3.09 -3.35 3.11
CA LEU A 100 2.63 -2.04 2.74
C LEU A 100 2.76 -1.06 3.89
N VAL A 101 2.32 -1.43 5.09
CA VAL A 101 2.37 -0.54 6.25
C VAL A 101 3.78 -0.08 6.54
N GLU A 102 4.73 -0.99 6.53
CA GLU A 102 6.14 -0.70 6.72
C GLU A 102 6.66 0.35 5.73
N ALA A 103 6.14 0.35 4.50
CA ALA A 103 6.48 1.35 3.51
C ALA A 103 5.96 2.75 3.88
N LEU A 104 4.71 2.84 4.29
CA LEU A 104 4.14 4.12 4.72
C LEU A 104 4.70 4.59 6.06
N GLU A 105 5.09 3.67 6.92
CA GLU A 105 5.70 3.94 8.22
C GLU A 105 7.01 4.73 8.08
N GLU A 106 7.65 4.67 6.91
CA GLU A 106 8.87 5.39 6.60
C GLU A 106 8.62 6.87 6.35
N ASN A 107 7.62 7.19 5.51
CA ASN A 107 7.23 8.56 5.24
C ASN A 107 6.33 9.15 6.31
N GLU A 108 6.05 8.39 7.38
CA GLU A 108 5.20 8.83 8.48
C GLU A 108 3.73 8.98 8.04
N LEU A 109 3.26 8.05 7.21
CA LEU A 109 1.90 8.06 6.68
C LEU A 109 1.00 7.15 7.50
N THR A 110 0.89 7.40 8.79
CA THR A 110 0.03 6.58 9.66
C THR A 110 -1.44 6.66 9.28
N SER A 111 -1.94 7.89 9.19
CA SER A 111 -3.33 8.19 8.86
C SER A 111 -3.67 7.71 7.45
N LEU A 112 -2.71 7.80 6.52
CA LEU A 112 -2.89 7.29 5.18
C LEU A 112 -2.87 5.75 5.17
N ALA A 113 -1.96 5.11 5.91
CA ALA A 113 -1.81 3.66 5.95
C ALA A 113 -3.07 2.95 6.39
N GLU A 114 -3.62 3.37 7.52
CA GLU A 114 -4.91 2.90 7.99
C GLU A 114 -6.04 3.24 7.00
N ASP A 115 -6.03 4.45 6.43
CA ASP A 115 -7.06 4.88 5.49
C ASP A 115 -7.14 3.95 4.26
N LEU A 116 -6.02 3.29 3.92
CA LEU A 116 -5.98 2.35 2.82
C LEU A 116 -6.97 1.22 2.98
N LEU A 117 -7.05 0.67 4.18
CA LEU A 117 -8.00 -0.38 4.52
C LEU A 117 -9.42 0.13 4.70
N GLY A 118 -9.61 1.43 4.59
CA GLY A 118 -10.90 2.09 4.76
C GLY A 118 -11.21 2.40 6.23
N LEU A 119 -10.20 2.81 7.02
CA LEU A 119 -10.35 3.23 8.41
C LEU A 119 -10.72 4.73 8.55
N THR A 120 -11.09 5.39 7.44
CA THR A 120 -11.54 6.79 7.42
C THR A 120 -13.01 6.94 7.80
N ASP A 121 -13.64 5.88 8.30
CA ASP A 121 -15.04 5.87 8.68
C ASP A 121 -15.21 5.93 10.22
N PRO A 122 -16.35 6.44 10.71
CA PRO A 122 -16.70 6.48 12.12
C PRO A 122 -16.98 5.09 12.74
N ASN A 123 -16.52 4.02 12.09
CA ASN A 123 -16.70 2.64 12.50
C ASN A 123 -15.38 1.95 12.88
N GLY A 124 -14.34 2.74 13.17
CA GLY A 124 -13.01 2.23 13.49
C GLY A 124 -11.98 3.35 13.52
N GLY A 125 -11.79 3.99 14.68
CA GLY A 125 -10.78 5.04 14.84
C GLY A 125 -11.32 6.45 14.65
N LEU A 126 -12.62 6.65 14.90
CA LEU A 126 -13.32 7.93 14.77
C LEU A 126 -14.75 7.83 15.32
N ALA A 127 -15.19 8.82 16.09
CA ALA A 127 -16.53 8.92 16.66
C ALA A 127 -16.76 10.28 17.35
N ALA A 14 -9.54 -11.93 15.49
CA ALA A 14 -9.07 -10.96 14.47
C ALA A 14 -7.60 -10.64 14.72
N GLN A 15 -6.68 -11.23 13.97
CA GLN A 15 -5.25 -10.96 14.05
C GLN A 15 -4.92 -9.49 13.76
N THR A 16 -4.61 -8.73 14.79
CA THR A 16 -4.27 -7.30 14.69
C THR A 16 -2.94 -7.01 15.33
N PHE A 17 -2.25 -6.01 14.79
CA PHE A 17 -0.96 -5.58 15.28
C PHE A 17 -0.94 -4.07 15.44
N LEU A 18 -0.20 -3.57 16.44
CA LEU A 18 -0.01 -2.14 16.63
C LEU A 18 1.02 -1.59 15.65
N PHE A 19 0.68 -0.50 14.98
CA PHE A 19 1.54 0.18 14.03
C PHE A 19 1.37 1.68 14.15
N GLN A 20 2.45 2.41 14.43
CA GLN A 20 2.42 3.86 14.57
C GLN A 20 1.38 4.35 15.60
N GLY A 21 1.02 3.50 16.56
CA GLY A 21 -0.05 3.79 17.52
C GLY A 21 -1.46 3.65 16.95
N GLN A 22 -1.62 3.01 15.79
CA GLN A 22 -2.88 2.78 15.11
C GLN A 22 -3.15 1.27 14.93
N PRO A 23 -4.39 0.83 15.20
CA PRO A 23 -4.82 -0.55 15.00
C PRO A 23 -4.93 -0.92 13.51
N VAL A 24 -4.51 -2.13 13.16
CA VAL A 24 -4.50 -2.66 11.79
C VAL A 24 -4.52 -4.17 11.77
N VAL A 25 -5.18 -4.73 10.75
CA VAL A 25 -5.33 -6.18 10.58
C VAL A 25 -4.38 -6.71 9.50
N ASN A 26 -3.84 -7.90 9.74
CA ASN A 26 -2.96 -8.56 8.79
C ASN A 26 -3.75 -9.40 7.80
N ARG A 27 -3.69 -9.03 6.52
CA ARG A 27 -4.39 -9.73 5.42
C ARG A 27 -4.00 -9.19 4.03
N PRO A 28 -4.33 -9.91 2.94
CA PRO A 28 -4.16 -9.43 1.57
C PRO A 28 -5.11 -8.27 1.26
N LEU A 29 -4.55 -7.16 0.81
CA LEU A 29 -5.32 -5.98 0.39
C LEU A 29 -6.22 -6.32 -0.79
N SER A 30 -7.37 -5.67 -0.84
CA SER A 30 -8.36 -5.87 -1.91
C SER A 30 -8.29 -4.74 -2.93
N LEU A 31 -9.13 -4.78 -3.97
CA LEU A 31 -9.22 -3.74 -4.99
C LEU A 31 -9.45 -2.36 -4.40
N LYS A 32 -10.23 -2.29 -3.31
CA LYS A 32 -10.47 -1.07 -2.54
C LYS A 32 -9.18 -0.44 -2.08
N ASP A 33 -8.21 -1.23 -1.62
CA ASP A 33 -6.96 -0.74 -1.07
C ASP A 33 -6.09 -0.21 -2.20
N GLN A 34 -6.03 -0.91 -3.33
CA GLN A 34 -5.27 -0.47 -4.49
C GLN A 34 -5.82 0.84 -5.06
N GLN A 35 -7.16 0.95 -5.10
CA GLN A 35 -7.84 2.15 -5.57
C GLN A 35 -7.70 3.29 -4.57
N THR A 36 -8.03 3.04 -3.31
CA THR A 36 -7.96 4.04 -2.24
C THR A 36 -6.51 4.48 -2.06
N PHE A 37 -5.54 3.57 -2.11
CA PHE A 37 -4.14 3.89 -2.02
C PHE A 37 -3.77 4.90 -3.05
N ALA A 38 -3.72 4.52 -4.33
CA ALA A 38 -3.35 5.43 -5.39
C ALA A 38 -4.15 6.73 -5.42
N ARG A 39 -5.36 6.70 -4.88
CA ARG A 39 -6.26 7.86 -4.76
C ARG A 39 -6.01 8.68 -3.48
N SER A 40 -5.23 8.17 -2.55
CA SER A 40 -4.93 8.77 -1.24
C SER A 40 -3.50 9.29 -1.21
N VAL A 41 -2.51 8.45 -1.52
CA VAL A 41 -1.11 8.88 -1.61
C VAL A 41 -0.90 9.90 -2.70
N GLY A 42 -1.58 9.77 -3.83
CA GLY A 42 -1.44 10.65 -4.99
C GLY A 42 0.02 10.80 -5.43
N LEU A 43 0.70 11.86 -5.00
CA LEU A 43 2.13 12.10 -5.26
C LEU A 43 3.06 11.24 -4.41
N LYS A 44 2.61 10.84 -3.22
CA LYS A 44 3.36 9.96 -2.30
C LYS A 44 3.47 8.55 -2.81
N TRP A 45 2.76 8.22 -3.87
CA TRP A 45 2.83 6.93 -4.53
C TRP A 45 4.27 6.50 -4.84
N ARG A 46 5.13 7.48 -5.19
CA ARG A 46 6.54 7.27 -5.46
C ARG A 46 7.28 6.89 -4.19
N LYS A 47 7.01 7.61 -3.09
CA LYS A 47 7.62 7.35 -1.80
C LYS A 47 7.27 5.98 -1.27
N VAL A 48 5.99 5.62 -1.29
CA VAL A 48 5.53 4.32 -0.82
C VAL A 48 6.22 3.20 -1.55
N GLY A 49 6.36 3.32 -2.86
CA GLY A 49 7.02 2.29 -3.62
C GLY A 49 8.48 2.13 -3.19
N ARG A 50 9.20 3.25 -3.06
CA ARG A 50 10.63 3.23 -2.68
C ARG A 50 10.81 2.73 -1.25
N SER A 51 9.97 3.16 -0.33
CA SER A 51 10.00 2.72 1.06
C SER A 51 9.68 1.24 1.18
N LEU A 52 8.81 0.72 0.31
CA LEU A 52 8.46 -0.69 0.28
C LEU A 52 9.65 -1.58 -0.09
N GLN A 53 10.63 -1.04 -0.81
CA GLN A 53 11.85 -1.77 -1.17
C GLN A 53 12.58 -2.36 0.04
N ARG A 54 12.71 -1.55 1.10
CA ARG A 54 13.31 -1.98 2.37
C ARG A 54 12.47 -3.04 3.08
N GLY A 55 11.14 -2.89 3.02
CA GLY A 55 10.21 -3.82 3.67
C GLY A 55 10.19 -5.19 3.00
N CYS A 56 9.90 -5.22 1.70
CA CYS A 56 9.87 -6.43 0.88
C CYS A 56 10.86 -6.31 -0.28
N ARG A 57 11.87 -7.20 -0.27
CA ARG A 57 12.88 -7.29 -1.34
C ARG A 57 12.27 -7.63 -2.70
N ALA A 58 11.09 -8.24 -2.70
CA ALA A 58 10.33 -8.55 -3.90
C ALA A 58 9.96 -7.29 -4.71
N LEU A 59 9.97 -6.11 -4.07
CA LEU A 59 9.66 -4.82 -4.70
C LEU A 59 10.84 -3.87 -4.65
N ARG A 60 12.04 -4.39 -4.33
CA ARG A 60 13.28 -3.61 -4.31
C ARG A 60 13.82 -3.33 -5.71
N ASP A 61 13.52 -4.21 -6.64
CA ASP A 61 13.96 -4.08 -8.02
C ASP A 61 13.57 -2.71 -8.60
N PRO A 62 14.16 -2.29 -9.73
CA PRO A 62 13.80 -1.08 -10.45
C PRO A 62 12.38 -1.16 -11.08
N ALA A 63 11.46 -1.91 -10.47
CA ALA A 63 10.08 -2.02 -10.91
C ALA A 63 9.44 -0.64 -11.00
N LEU A 64 9.57 0.21 -9.97
CA LEU A 64 9.02 1.57 -9.94
C LEU A 64 9.36 2.38 -11.20
N ASP A 65 10.56 2.17 -11.73
CA ASP A 65 11.05 2.85 -12.94
C ASP A 65 10.14 2.55 -14.14
N SER A 66 9.96 1.27 -14.45
CA SER A 66 9.08 0.81 -15.51
C SER A 66 7.62 0.99 -15.12
N LEU A 67 7.26 0.86 -13.85
CA LEU A 67 5.90 1.06 -13.35
C LEU A 67 5.42 2.46 -13.68
N ALA A 68 6.26 3.48 -13.54
CA ALA A 68 5.88 4.84 -13.86
C ALA A 68 5.57 5.01 -15.35
N TYR A 69 6.43 4.50 -16.24
CA TYR A 69 6.28 4.61 -17.69
C TYR A 69 5.14 3.72 -18.23
N GLU A 70 5.06 2.48 -17.75
CA GLU A 70 4.04 1.51 -18.12
C GLU A 70 2.65 1.97 -17.67
N TYR A 71 2.58 2.59 -16.49
CA TYR A 71 1.35 3.13 -15.92
C TYR A 71 1.26 4.64 -16.10
N GLU A 72 2.09 5.22 -16.96
CA GLU A 72 2.11 6.66 -17.26
C GLU A 72 0.88 7.07 -18.05
N ARG A 73 0.13 6.09 -18.55
CA ARG A 73 -1.09 6.30 -19.33
C ARG A 73 -2.18 6.93 -18.48
N GLU A 74 -2.44 6.33 -17.31
CA GLU A 74 -3.44 6.84 -16.38
C GLU A 74 -2.85 7.88 -15.41
N GLY A 75 -1.55 7.77 -15.11
CA GLY A 75 -0.87 8.66 -14.18
C GLY A 75 -0.68 7.99 -12.83
N LEU A 76 -0.69 8.79 -11.77
CA LEU A 76 -0.47 8.36 -10.39
C LEU A 76 -1.54 7.35 -9.93
N TYR A 77 -2.71 7.38 -10.59
CA TYR A 77 -3.83 6.51 -10.32
C TYR A 77 -3.48 5.06 -10.63
N GLU A 78 -3.26 4.73 -11.90
CA GLU A 78 -2.88 3.38 -12.31
C GLU A 78 -1.49 3.02 -11.80
N GLN A 79 -0.61 4.02 -11.65
CA GLN A 79 0.76 3.84 -11.19
C GLN A 79 0.79 3.10 -9.87
N ALA A 80 0.11 3.66 -8.88
CA ALA A 80 0.04 3.07 -7.57
C ALA A 80 -1.01 1.95 -7.45
N PHE A 81 -2.08 2.04 -8.24
CA PHE A 81 -3.14 1.06 -8.25
C PHE A 81 -2.58 -0.32 -8.55
N GLN A 82 -1.92 -0.46 -9.70
CA GLN A 82 -1.30 -1.72 -10.07
C GLN A 82 -0.06 -2.02 -9.23
N LEU A 83 0.66 -0.99 -8.78
CA LEU A 83 1.83 -1.17 -7.91
C LEU A 83 1.49 -1.99 -6.65
N LEU A 84 0.30 -1.79 -6.09
CA LEU A 84 -0.12 -2.54 -4.92
C LEU A 84 -0.32 -4.01 -5.21
N ARG A 85 -0.72 -4.33 -6.44
CA ARG A 85 -0.90 -5.71 -6.91
C ARG A 85 0.42 -6.37 -7.22
N ARG A 86 1.48 -5.61 -7.52
CA ARG A 86 2.83 -6.13 -7.79
C ARG A 86 3.31 -7.05 -6.69
N PHE A 87 3.10 -6.63 -5.43
CA PHE A 87 3.46 -7.43 -4.27
C PHE A 87 2.59 -8.70 -4.17
N VAL A 88 1.30 -8.56 -4.46
CA VAL A 88 0.34 -9.66 -4.42
C VAL A 88 0.62 -10.68 -5.53
N GLN A 89 1.09 -10.23 -6.69
CA GLN A 89 1.46 -11.10 -7.79
C GLN A 89 2.59 -12.06 -7.40
N ALA A 90 3.53 -11.60 -6.57
CA ALA A 90 4.67 -12.41 -6.13
C ALA A 90 4.20 -13.65 -5.34
N GLU A 91 3.35 -13.43 -4.34
CA GLU A 91 2.82 -14.51 -3.51
C GLU A 91 1.31 -14.42 -3.31
N GLY A 92 0.84 -13.25 -2.89
CA GLY A 92 -0.57 -12.94 -2.71
C GLY A 92 -1.15 -13.53 -1.44
N ARG A 93 -0.98 -14.83 -1.25
CA ARG A 93 -1.38 -15.55 -0.02
C ARG A 93 -0.52 -15.15 1.18
N ARG A 94 0.79 -15.00 0.96
CA ARG A 94 1.74 -14.60 1.99
C ARG A 94 1.80 -13.09 2.16
N ALA A 95 1.78 -12.36 1.05
CA ALA A 95 1.79 -10.91 1.04
C ALA A 95 0.67 -10.37 1.92
N THR A 96 1.05 -9.66 2.97
CA THR A 96 0.11 -9.08 3.94
C THR A 96 0.26 -7.57 3.99
N LEU A 97 -0.77 -6.91 4.53
CA LEU A 97 -0.75 -5.47 4.72
C LEU A 97 0.49 -5.07 5.49
N GLN A 98 0.96 -5.84 6.47
CA GLN A 98 2.14 -5.53 7.28
C GLN A 98 3.27 -4.90 6.46
N ARG A 99 3.61 -5.52 5.32
CA ARG A 99 4.67 -5.03 4.42
C ARG A 99 4.35 -3.67 3.83
N LEU A 100 3.16 -3.52 3.27
CA LEU A 100 2.70 -2.25 2.79
C LEU A 100 2.80 -1.18 3.89
N VAL A 101 2.32 -1.48 5.10
CA VAL A 101 2.33 -0.52 6.19
C VAL A 101 3.73 -0.05 6.51
N GLU A 102 4.68 -0.98 6.54
CA GLU A 102 6.09 -0.68 6.78
C GLU A 102 6.64 0.35 5.77
N ALA A 103 6.15 0.32 4.53
CA ALA A 103 6.52 1.31 3.51
C ALA A 103 6.04 2.71 3.87
N LEU A 104 4.80 2.86 4.31
CA LEU A 104 4.27 4.15 4.72
C LEU A 104 4.86 4.62 6.04
N GLU A 105 5.26 3.70 6.90
CA GLU A 105 5.88 3.98 8.19
C GLU A 105 7.21 4.75 8.03
N GLU A 106 7.82 4.68 6.85
CA GLU A 106 9.04 5.41 6.53
C GLU A 106 8.78 6.89 6.28
N ASN A 107 7.79 7.21 5.45
CA ASN A 107 7.42 8.60 5.18
C ASN A 107 6.50 9.19 6.25
N GLU A 108 6.22 8.43 7.31
CA GLU A 108 5.34 8.86 8.40
C GLU A 108 3.88 8.99 7.95
N LEU A 109 3.42 8.05 7.12
CA LEU A 109 2.07 8.04 6.57
C LEU A 109 1.16 7.14 7.41
N THR A 110 1.05 7.41 8.70
CA THR A 110 0.20 6.61 9.60
C THR A 110 -1.27 6.69 9.21
N SER A 111 -1.78 7.92 9.10
CA SER A 111 -3.16 8.22 8.77
C SER A 111 -3.50 7.73 7.37
N LEU A 112 -2.54 7.81 6.44
CA LEU A 112 -2.72 7.30 5.09
C LEU A 112 -2.70 5.76 5.09
N ALA A 113 -1.82 5.12 5.84
CA ALA A 113 -1.68 3.66 5.90
C ALA A 113 -2.95 2.97 6.35
N GLU A 114 -3.49 3.42 7.47
CA GLU A 114 -4.80 2.94 7.94
C GLU A 114 -5.92 3.29 6.95
N ASP A 115 -5.89 4.48 6.37
CA ASP A 115 -6.92 4.92 5.43
C ASP A 115 -7.01 3.99 4.21
N LEU A 116 -5.90 3.32 3.86
CA LEU A 116 -5.87 2.36 2.76
C LEU A 116 -6.89 1.24 2.94
N LEU A 117 -6.96 0.71 4.16
CA LEU A 117 -7.90 -0.35 4.50
C LEU A 117 -9.34 0.17 4.63
N GLY A 118 -9.51 1.49 4.52
CA GLY A 118 -10.81 2.14 4.67
C GLY A 118 -11.13 2.50 6.13
N LEU A 119 -10.13 2.92 6.91
CA LEU A 119 -10.31 3.37 8.30
C LEU A 119 -10.73 4.85 8.40
N THR A 120 -11.02 5.50 7.27
CA THR A 120 -11.51 6.89 7.21
C THR A 120 -13.02 7.00 7.45
N ASP A 121 -13.65 5.92 7.89
CA ASP A 121 -15.08 5.86 8.14
C ASP A 121 -15.38 5.88 9.65
N PRO A 122 -16.58 6.35 10.04
CA PRO A 122 -17.05 6.39 11.43
C PRO A 122 -17.31 4.99 12.04
N ASN A 123 -16.84 3.94 11.40
CA ASN A 123 -17.03 2.54 11.76
C ASN A 123 -16.14 1.65 10.88
N GLY A 124 -14.90 1.41 11.29
CA GLY A 124 -13.99 0.50 10.60
C GLY A 124 -14.64 -0.88 10.37
N GLY A 125 -14.71 -1.31 9.10
CA GLY A 125 -15.35 -2.57 8.73
C GLY A 125 -14.80 -3.11 7.42
N LEU A 126 -15.60 -3.04 6.36
CA LEU A 126 -15.23 -3.51 5.01
C LEU A 126 -15.36 -2.36 4.00
N ALA A 127 -14.81 -2.57 2.80
CA ALA A 127 -14.79 -1.59 1.71
C ALA A 127 -14.24 -0.20 2.16
#